data_7T0C
#
_entry.id   7T0C
#
_cell.length_a   141.915
_cell.length_b   141.915
_cell.length_c   130.226
_cell.angle_alpha   90.000
_cell.angle_beta   90.000
_cell.angle_gamma   90.000
#
_symmetry.space_group_name_H-M   'P 43 21 2'
#
loop_
_entity.id
_entity.type
_entity.pdbx_description
1 polymer 'Protein farnesyltransferase/geranylgeranyltransferase type-1 subunit alpha'
2 polymer 'Protein farnesyltransferase subunit beta'
3 non-polymer 1,2-ETHANEDIOL
4 non-polymer 'ZINC ION'
5 non-polymer (5S)-5-butyl-4-({1-[(4-chlorophenyl)methyl]-1H-imidazol-5-yl}methyl)-1-[3-(trifluoromethoxy)phenyl]piperazin-2-one
6 non-polymer '(2R)-3-(cyclohexylamino)-2-hydroxypropane-1-sulfonic acid'
7 non-polymer 'SULFATE ION'
8 non-polymer 'FARNESYL DIPHOSPHATE'
9 water water
#
loop_
_entity_poly.entity_id
_entity_poly.type
_entity_poly.pdbx_seq_one_letter_code
_entity_poly.pdbx_strand_id
1 'polypeptide(L)'
;MGSSHHHHHHSQDLMVTSTYIPMSQRRSWADVKPIMQDDGPNPVVPIMYSEEYKDAMDYFRAIAAKEEKSERALELTEII
VRMNPAHYTVWQYRFSLLTSLNKSLEDELRLMNEFAVQNLKSYQVWHHRLLLLDRISPQDPVSEIEYIHGSLLPDPKNYH
TWAYLHWLYSHFSTLGRISEAQWGSELDWCNEMLRVDGRNNSAWGWRWYLRVSRPGAETSSRSLQDELIYILKSIHLIPH
NVSAWNYLRGFLKHFSLPLVPILPAILPYTASKLNPDIETVEAFGFPMPSDPLPEDTPLPVPLALEYLADSFIEQNRVDD
AAKVFEKLSSEYDQMRAGYWEFRRRECAE
;
A
2 'polypeptide(L)'
;MATEFTPSVYSLVSKPLPSNSRPSATLDEQAETEDLISQLFDLTADPNALVSEHGKRYSGLRKQEHTQFLASSFFQLPGK
FVSLDASRPWLVFWTVHSLDLLGVALDQGTKDRVVSTLLHFLSPKGGFGGGPANSQIPHLLPTYASVCSLAIAGNDSSTG
GWKDLAAARQSIYEFFMRCKRPDGGFVVCEGGEVDVRGTYCLLVVATLLDIITPELLHNVDKFVSACQTYEGGFACASFP
FPSVVPSTSAFPTSEPSCRVSMAEAHGGYTSCSLNSHFLLTSVPLPSFPLSIDANAALRWTVLQQGEPIEGGGFRGRTNK
LVDGCYSWWVGGGAPVAEELVRREKSRKVKKSRIEVFEEEKEGDWEDVPPIPPIFNRVALQEFTLVAAQQDPGSTGGLRD
KPGKRPDQYHTCNNLSGLSIAQHKMSHSPSTVSSNRLKFDASKGLPAVKPVAPGGGWKNEDERQNARREIWANALGWIEE
EGGEIIVGGKDNRINTTTPVFNILGLRLKPFINYFYCQEN
;
B
#
# COMPACT_ATOMS: atom_id res chain seq x y z
N THR A 19 -18.47 -20.29 -33.53
CA THR A 19 -17.10 -20.79 -33.60
C THR A 19 -16.14 -19.65 -33.88
N TYR A 20 -14.97 -19.72 -33.26
CA TYR A 20 -13.95 -18.69 -33.45
C TYR A 20 -13.32 -18.80 -34.83
N ILE A 21 -13.07 -17.66 -35.45
CA ILE A 21 -12.38 -17.56 -36.73
C ILE A 21 -11.00 -16.98 -36.47
N PRO A 22 -9.92 -17.75 -36.64
CA PRO A 22 -8.57 -17.21 -36.39
C PRO A 22 -8.29 -16.01 -37.28
N MET A 23 -7.42 -15.13 -36.76
CA MET A 23 -7.10 -13.91 -37.50
C MET A 23 -6.28 -14.18 -38.74
N SER A 24 -5.57 -15.30 -38.80
CA SER A 24 -4.86 -15.67 -40.02
C SER A 24 -5.81 -15.91 -41.18
N GLN A 25 -7.06 -16.22 -40.89
CA GLN A 25 -8.06 -16.46 -41.93
C GLN A 25 -9.02 -15.28 -42.10
N ARG A 26 -8.62 -14.09 -41.66
CA ARG A 26 -9.43 -12.88 -41.81
C ARG A 26 -8.86 -11.99 -42.89
N ARG A 27 -9.71 -11.63 -43.86
CA ARG A 27 -9.29 -10.83 -45.00
C ARG A 27 -8.64 -9.52 -44.57
N SER A 28 -9.19 -8.89 -43.54
CA SER A 28 -8.68 -7.60 -43.08
C SER A 28 -7.28 -7.68 -42.49
N TRP A 29 -6.79 -8.88 -42.17
CA TRP A 29 -5.51 -9.05 -41.49
C TRP A 29 -4.50 -9.85 -42.29
N ALA A 30 -4.79 -10.14 -43.57
CA ALA A 30 -3.97 -11.06 -44.34
C ALA A 30 -2.55 -10.56 -44.56
N ASP A 31 -2.33 -9.25 -44.51
CA ASP A 31 -1.00 -8.69 -44.74
C ASP A 31 -0.09 -8.73 -43.53
N VAL A 32 -0.60 -9.13 -42.36
CA VAL A 32 0.14 -9.02 -41.11
C VAL A 32 0.69 -10.40 -40.74
N LYS A 33 1.99 -10.46 -40.47
CA LYS A 33 2.62 -11.68 -39.97
C LYS A 33 2.66 -11.61 -38.44
N PRO A 34 1.89 -12.44 -37.74
CA PRO A 34 1.90 -12.40 -36.27
C PRO A 34 3.27 -12.73 -35.70
N ILE A 35 3.49 -12.27 -34.46
CA ILE A 35 4.76 -12.44 -33.77
C ILE A 35 4.48 -13.11 -32.43
N MET A 36 5.14 -14.23 -32.18
CA MET A 36 4.89 -15.01 -30.97
C MET A 36 5.51 -14.35 -29.74
N GLN A 37 4.92 -14.63 -28.59
CA GLN A 37 5.45 -14.18 -27.31
C GLN A 37 6.84 -14.76 -27.07
N ASP A 38 7.81 -13.90 -26.73
CA ASP A 38 9.19 -14.35 -26.54
C ASP A 38 9.48 -14.54 -25.05
N ASP A 39 9.02 -15.67 -24.54
CA ASP A 39 9.19 -16.11 -23.15
C ASP A 39 10.50 -16.84 -22.92
N GLY A 40 11.16 -17.31 -23.96
CA GLY A 40 12.21 -18.29 -23.79
C GLY A 40 11.60 -19.68 -23.88
N PRO A 41 12.44 -20.72 -23.77
CA PRO A 41 11.96 -22.09 -24.06
C PRO A 41 11.09 -22.71 -22.96
N ASN A 42 11.32 -22.36 -21.70
CA ASN A 42 10.63 -23.02 -20.58
C ASN A 42 10.43 -22.03 -19.45
N PRO A 43 9.56 -21.04 -19.64
CA PRO A 43 9.40 -19.99 -18.61
C PRO A 43 8.66 -20.48 -17.38
N VAL A 44 8.99 -19.88 -16.24
CA VAL A 44 8.22 -20.04 -15.01
C VAL A 44 6.97 -19.17 -15.09
N VAL A 45 6.04 -19.36 -14.16
CA VAL A 45 4.68 -18.83 -14.10
C VAL A 45 4.03 -18.64 -15.47
N PRO A 46 3.98 -19.67 -16.33
CA PRO A 46 3.22 -19.54 -17.57
C PRO A 46 1.72 -19.60 -17.30
N ILE A 47 0.97 -18.90 -18.14
CA ILE A 47 -0.49 -18.85 -18.06
C ILE A 47 -1.06 -19.59 -19.27
N MET A 48 -2.04 -20.46 -19.02
CA MET A 48 -2.66 -21.23 -20.10
C MET A 48 -3.70 -20.35 -20.80
N TYR A 49 -3.26 -19.63 -21.82
CA TYR A 49 -4.10 -18.66 -22.49
C TYR A 49 -5.17 -19.32 -23.36
N SER A 50 -6.33 -18.68 -23.45
CA SER A 50 -7.30 -19.10 -24.45
C SER A 50 -6.76 -18.82 -25.86
N GLU A 51 -7.35 -19.52 -26.84
CA GLU A 51 -6.93 -19.32 -28.23
C GLU A 51 -7.20 -17.88 -28.68
N GLU A 52 -8.34 -17.32 -28.28
CA GLU A 52 -8.68 -15.95 -28.68
C GLU A 52 -7.66 -14.95 -28.16
N TYR A 53 -7.23 -15.12 -26.91
CA TYR A 53 -6.31 -14.14 -26.31
C TYR A 53 -4.92 -14.26 -26.91
N LYS A 54 -4.40 -15.48 -27.09
CA LYS A 54 -3.10 -15.64 -27.71
C LYS A 54 -3.09 -15.10 -29.13
N ASP A 55 -4.13 -15.40 -29.90
CA ASP A 55 -4.22 -14.92 -31.27
C ASP A 55 -4.21 -13.38 -31.33
N ALA A 56 -4.98 -12.74 -30.45
CA ALA A 56 -5.03 -11.28 -30.47
C ALA A 56 -3.68 -10.68 -30.06
N MET A 57 -3.02 -11.26 -29.06
CA MET A 57 -1.72 -10.75 -28.64
C MET A 57 -0.66 -11.00 -29.71
N ASP A 58 -0.72 -12.16 -30.39
CA ASP A 58 0.17 -12.43 -31.51
C ASP A 58 0.08 -11.32 -32.56
N TYR A 59 -1.13 -10.84 -32.83
CA TYR A 59 -1.28 -9.79 -33.82
C TYR A 59 -1.00 -8.41 -33.22
N PHE A 60 -1.23 -8.22 -31.92
CA PHE A 60 -0.84 -6.97 -31.29
C PHE A 60 0.68 -6.79 -31.32
N ARG A 61 1.42 -7.86 -31.03
CA ARG A 61 2.89 -7.77 -31.09
C ARG A 61 3.36 -7.31 -32.47
N ALA A 62 2.72 -7.81 -33.53
CA ALA A 62 3.07 -7.37 -34.88
C ALA A 62 2.68 -5.92 -35.11
N ILE A 63 1.47 -5.53 -34.69
CA ILE A 63 1.00 -4.16 -34.85
C ILE A 63 1.94 -3.19 -34.13
N ALA A 64 2.26 -3.50 -32.88
CA ALA A 64 3.12 -2.62 -32.09
C ALA A 64 4.54 -2.58 -32.64
N ALA A 65 5.01 -3.70 -33.22
CA ALA A 65 6.34 -3.73 -33.80
C ALA A 65 6.46 -2.79 -35.00
N LYS A 66 5.46 -2.78 -35.88
CA LYS A 66 5.47 -1.88 -37.02
C LYS A 66 4.90 -0.49 -36.69
N GLU A 67 4.55 -0.24 -35.43
CA GLU A 67 4.03 1.06 -34.97
C GLU A 67 2.84 1.53 -35.80
N GLU A 68 1.98 0.59 -36.15
CA GLU A 68 0.80 0.92 -36.96
C GLU A 68 -0.25 1.62 -36.10
N LYS A 69 -0.70 2.78 -36.56
CA LYS A 69 -1.78 3.52 -35.93
C LYS A 69 -2.97 3.47 -36.87
N SER A 70 -3.97 2.65 -36.55
CA SER A 70 -5.04 2.40 -37.51
C SER A 70 -6.32 2.01 -36.78
N GLU A 71 -7.43 2.03 -37.52
CA GLU A 71 -8.71 1.58 -36.97
C GLU A 71 -8.69 0.10 -36.59
N ARG A 72 -8.03 -0.74 -37.39
CA ARG A 72 -7.99 -2.16 -37.02
C ARG A 72 -7.15 -2.36 -35.77
N ALA A 73 -6.07 -1.58 -35.62
CA ALA A 73 -5.31 -1.63 -34.38
C ALA A 73 -6.15 -1.18 -33.20
N LEU A 74 -6.96 -0.14 -33.39
CA LEU A 74 -7.83 0.32 -32.32
C LEU A 74 -8.82 -0.77 -31.91
N GLU A 75 -9.46 -1.40 -32.90
CA GLU A 75 -10.37 -2.50 -32.61
C GLU A 75 -9.65 -3.61 -31.88
N LEU A 76 -8.41 -3.90 -32.26
CA LEU A 76 -7.69 -5.00 -31.64
C LEU A 76 -7.40 -4.70 -30.18
N THR A 77 -7.08 -3.45 -29.85
CA THR A 77 -6.82 -3.12 -28.45
C THR A 77 -8.08 -3.29 -27.62
N GLU A 78 -9.26 -2.96 -28.17
CA GLU A 78 -10.49 -3.12 -27.42
C GLU A 78 -10.76 -4.61 -27.14
N ILE A 79 -10.55 -5.46 -28.14
CA ILE A 79 -10.67 -6.91 -27.95
C ILE A 79 -9.80 -7.36 -26.78
N ILE A 80 -8.57 -6.85 -26.71
CA ILE A 80 -7.61 -7.35 -25.74
C ILE A 80 -7.96 -6.87 -24.34
N VAL A 81 -8.30 -5.59 -24.18
CA VAL A 81 -8.59 -5.11 -22.83
C VAL A 81 -9.93 -5.62 -22.31
N ARG A 82 -10.84 -6.05 -23.20
CA ARG A 82 -12.05 -6.71 -22.73
C ARG A 82 -11.71 -8.04 -22.08
N MET A 83 -10.72 -8.75 -22.61
CA MET A 83 -10.29 -10.02 -22.04
C MET A 83 -9.37 -9.81 -20.84
N ASN A 84 -8.58 -8.73 -20.83
CA ASN A 84 -7.67 -8.43 -19.73
C ASN A 84 -7.64 -6.93 -19.50
N PRO A 85 -8.50 -6.42 -18.62
CA PRO A 85 -8.53 -4.97 -18.35
C PRO A 85 -7.30 -4.43 -17.64
N ALA A 86 -6.42 -5.29 -17.12
CA ALA A 86 -5.24 -4.82 -16.43
C ALA A 86 -4.01 -4.74 -17.34
N HIS A 87 -4.19 -4.86 -18.65
CA HIS A 87 -3.06 -4.92 -19.59
C HIS A 87 -2.58 -3.51 -19.90
N TYR A 88 -1.65 -3.00 -19.07
CA TYR A 88 -1.30 -1.58 -19.14
C TYR A 88 -0.66 -1.22 -20.48
N THR A 89 0.13 -2.13 -21.06
CA THR A 89 0.77 -1.85 -22.34
C THR A 89 -0.26 -1.61 -23.44
N VAL A 90 -1.31 -2.43 -23.47
CA VAL A 90 -2.32 -2.29 -24.51
C VAL A 90 -3.16 -1.03 -24.28
N TRP A 91 -3.42 -0.67 -23.02
CA TRP A 91 -4.08 0.60 -22.73
C TRP A 91 -3.23 1.79 -23.22
N GLN A 92 -1.92 1.75 -22.96
CA GLN A 92 -1.05 2.82 -23.42
C GLN A 92 -1.09 2.95 -24.94
N TYR A 93 -1.06 1.82 -25.64
CA TYR A 93 -1.16 1.85 -27.09
C TYR A 93 -2.51 2.37 -27.54
N ARG A 94 -3.58 1.99 -26.82
CA ARG A 94 -4.90 2.48 -27.18
C ARG A 94 -4.98 4.00 -27.09
N PHE A 95 -4.44 4.59 -26.02
CA PHE A 95 -4.54 6.05 -25.90
C PHE A 95 -3.73 6.74 -27.00
N SER A 96 -2.59 6.18 -27.39
CA SER A 96 -1.83 6.81 -28.46
C SER A 96 -2.54 6.67 -29.81
N LEU A 97 -3.31 5.59 -30.00
CA LEU A 97 -4.15 5.47 -31.18
C LEU A 97 -5.23 6.55 -31.21
N LEU A 98 -5.89 6.78 -30.07
CA LEU A 98 -6.96 7.78 -30.02
C LEU A 98 -6.43 9.17 -30.39
N THR A 99 -5.31 9.57 -29.80
CA THR A 99 -4.79 10.91 -30.05
C THR A 99 -4.20 11.01 -31.46
N SER A 100 -3.49 9.97 -31.89
CA SER A 100 -2.87 9.99 -33.21
C SER A 100 -3.92 10.06 -34.31
N LEU A 101 -5.02 9.31 -34.17
CA LEU A 101 -6.08 9.32 -35.16
C LEU A 101 -7.10 10.43 -34.94
N ASN A 102 -6.94 11.25 -33.91
CA ASN A 102 -7.91 12.30 -33.58
C ASN A 102 -9.33 11.73 -33.47
N LYS A 103 -9.43 10.62 -32.74
CA LYS A 103 -10.72 9.97 -32.50
C LYS A 103 -11.57 10.80 -31.52
N SER A 104 -12.88 10.56 -31.56
CA SER A 104 -13.80 11.23 -30.64
C SER A 104 -13.58 10.72 -29.23
N LEU A 105 -13.05 11.58 -28.36
CA LEU A 105 -12.80 11.18 -26.98
C LEU A 105 -14.08 11.10 -26.16
N GLU A 106 -15.14 11.79 -26.58
CA GLU A 106 -16.44 11.62 -25.93
C GLU A 106 -17.03 10.24 -26.19
N ASP A 107 -16.88 9.74 -27.43
CA ASP A 107 -17.25 8.36 -27.71
C ASP A 107 -16.47 7.39 -26.84
N GLU A 108 -15.16 7.60 -26.71
CA GLU A 108 -14.36 6.70 -25.88
C GLU A 108 -14.85 6.74 -24.44
N LEU A 109 -15.24 7.91 -23.96
CA LEU A 109 -15.76 8.03 -22.61
C LEU A 109 -17.05 7.24 -22.43
N ARG A 110 -17.88 7.18 -23.47
CA ARG A 110 -19.07 6.34 -23.41
C ARG A 110 -18.71 4.86 -23.39
N LEU A 111 -17.65 4.47 -24.09
CA LEU A 111 -17.22 3.08 -24.03
C LEU A 111 -16.74 2.72 -22.63
N MET A 112 -16.06 3.66 -21.97
CA MET A 112 -15.61 3.42 -20.59
C MET A 112 -16.78 3.31 -19.63
N ASN A 113 -17.87 4.05 -19.87
CA ASN A 113 -19.07 3.88 -19.05
C ASN A 113 -19.56 2.44 -19.13
N GLU A 114 -19.49 1.83 -20.32
CA GLU A 114 -19.93 0.45 -20.47
C GLU A 114 -18.99 -0.52 -19.75
N PHE A 115 -17.68 -0.30 -19.86
CA PHE A 115 -16.72 -1.16 -19.17
C PHE A 115 -17.04 -1.26 -17.68
N ALA A 116 -17.40 -0.13 -17.04
CA ALA A 116 -17.79 -0.15 -15.64
C ALA A 116 -19.05 -0.99 -15.43
N VAL A 117 -20.03 -0.84 -16.33
CA VAL A 117 -21.27 -1.61 -16.23
C VAL A 117 -20.97 -3.11 -16.26
N GLN A 118 -20.12 -3.53 -17.19
CA GLN A 118 -19.78 -4.94 -17.37
C GLN A 118 -18.67 -5.41 -16.43
N ASN A 119 -18.34 -4.61 -15.42
CA ASN A 119 -17.39 -5.00 -14.36
C ASN A 119 -15.99 -5.25 -14.92
N LEU A 120 -15.61 -4.46 -15.92
CA LEU A 120 -14.24 -4.44 -16.42
C LEU A 120 -13.56 -3.24 -15.75
N LYS A 121 -12.62 -3.51 -14.83
CA LYS A 121 -12.05 -2.45 -14.01
C LYS A 121 -10.62 -2.78 -13.63
N SER A 122 -9.82 -1.73 -13.38
CA SER A 122 -8.42 -1.83 -12.98
C SER A 122 -7.90 -0.41 -12.74
N TYR A 123 -6.68 -0.33 -12.17
CA TYR A 123 -5.93 0.92 -12.18
C TYR A 123 -5.90 1.51 -13.59
N GLN A 124 -5.76 0.66 -14.61
CA GLN A 124 -5.51 1.11 -15.97
C GLN A 124 -6.73 1.79 -16.57
N VAL A 125 -7.93 1.25 -16.31
CA VAL A 125 -9.15 1.83 -16.85
C VAL A 125 -9.42 3.19 -16.21
N TRP A 126 -9.28 3.27 -14.88
CA TRP A 126 -9.46 4.55 -14.20
C TRP A 126 -8.48 5.58 -14.72
N HIS A 127 -7.24 5.18 -14.94
CA HIS A 127 -6.26 6.13 -15.45
C HIS A 127 -6.57 6.54 -16.88
N HIS A 128 -7.10 5.62 -17.69
CA HIS A 128 -7.54 5.96 -19.04
C HIS A 128 -8.61 7.05 -19.00
N ARG A 129 -9.58 6.91 -18.09
CA ARG A 129 -10.61 7.92 -17.95
C ARG A 129 -10.02 9.27 -17.58
N LEU A 130 -9.02 9.29 -16.71
CA LEU A 130 -8.39 10.53 -16.30
C LEU A 130 -7.70 11.20 -17.49
N LEU A 131 -6.95 10.42 -18.27
CA LEU A 131 -6.29 10.95 -19.45
C LEU A 131 -7.28 11.53 -20.45
N LEU A 132 -8.44 10.88 -20.60
CA LEU A 132 -9.47 11.41 -21.48
C LEU A 132 -9.97 12.77 -20.99
N LEU A 133 -10.30 12.86 -19.70
CA LEU A 133 -10.79 14.12 -19.16
C LEU A 133 -9.75 15.22 -19.26
N ASP A 134 -8.49 14.88 -18.99
CA ASP A 134 -7.40 15.84 -19.12
C ASP A 134 -7.29 16.37 -20.55
N ARG A 135 -7.41 15.49 -21.55
CA ARG A 135 -7.23 15.90 -22.92
C ARG A 135 -8.46 16.58 -23.50
N ILE A 136 -9.67 16.06 -23.20
CA ILE A 136 -10.88 16.78 -23.57
C ILE A 136 -10.85 18.19 -22.97
N SER A 137 -10.46 18.28 -21.71
CA SER A 137 -10.40 19.53 -20.97
C SER A 137 -11.72 20.32 -21.08
N PRO A 138 -12.83 19.75 -20.60
CA PRO A 138 -14.13 20.44 -20.74
C PRO A 138 -14.12 21.76 -19.97
N GLN A 139 -14.87 22.74 -20.50
N GLN A 139 -14.87 22.73 -20.52
CA GLN A 139 -15.00 24.00 -19.77
CA GLN A 139 -15.06 24.00 -19.83
C GLN A 139 -15.83 23.83 -18.50
C GLN A 139 -15.80 23.80 -18.51
N ASP A 140 -16.75 22.87 -18.48
CA ASP A 140 -17.48 22.54 -17.25
C ASP A 140 -17.49 21.03 -17.06
N PRO A 141 -16.87 20.50 -16.00
CA PRO A 141 -16.83 19.04 -15.82
C PRO A 141 -18.03 18.47 -15.05
N VAL A 142 -19.14 19.22 -14.97
CA VAL A 142 -20.24 18.81 -14.10
C VAL A 142 -20.79 17.44 -14.48
N SER A 143 -20.83 17.13 -15.78
CA SER A 143 -21.35 15.84 -16.22
C SER A 143 -20.50 14.69 -15.71
N GLU A 144 -19.18 14.88 -15.70
CA GLU A 144 -18.30 13.82 -15.20
C GLU A 144 -18.43 13.69 -13.69
N ILE A 145 -18.59 14.82 -12.99
CA ILE A 145 -18.79 14.78 -11.54
C ILE A 145 -20.02 13.95 -11.20
N GLU A 146 -21.13 14.19 -11.90
CA GLU A 146 -22.37 13.47 -11.63
C GLU A 146 -22.22 11.99 -11.95
N TYR A 147 -21.51 11.67 -13.02
CA TYR A 147 -21.27 10.27 -13.35
C TYR A 147 -20.52 9.55 -12.21
N ILE A 148 -19.43 10.17 -11.74
CA ILE A 148 -18.66 9.61 -10.64
C ILE A 148 -19.54 9.38 -9.42
N HIS A 149 -20.40 10.36 -9.09
CA HIS A 149 -21.33 10.22 -7.98
C HIS A 149 -22.21 8.99 -8.15
N GLY A 150 -22.81 8.84 -9.32
CA GLY A 150 -23.66 7.68 -9.55
C GLY A 150 -22.89 6.37 -9.51
N SER A 151 -21.65 6.38 -9.99
CA SER A 151 -20.88 5.15 -10.07
C SER A 151 -20.54 4.60 -8.69
N LEU A 152 -20.53 5.45 -7.66
CA LEU A 152 -20.23 5.05 -6.29
C LEU A 152 -21.36 4.26 -5.61
N LEU A 153 -22.49 4.02 -6.26
CA LEU A 153 -23.55 3.34 -5.52
C LEU A 153 -23.34 1.83 -5.41
N PRO A 154 -22.80 1.14 -6.43
CA PRO A 154 -22.38 -0.25 -6.20
C PRO A 154 -21.31 -0.41 -5.12
N ASP A 155 -20.26 0.40 -5.14
CA ASP A 155 -19.23 0.37 -4.08
C ASP A 155 -18.98 1.79 -3.57
N PRO A 156 -19.60 2.19 -2.46
CA PRO A 156 -19.43 3.56 -1.94
C PRO A 156 -18.07 3.84 -1.34
N LYS A 157 -17.16 2.85 -1.25
CA LYS A 157 -15.83 3.06 -0.69
C LYS A 157 -14.74 2.75 -1.71
N ASN A 158 -15.09 2.66 -2.99
CA ASN A 158 -14.13 2.38 -4.05
C ASN A 158 -13.00 3.40 -4.02
N TYR A 159 -11.80 2.93 -3.69
CA TYR A 159 -10.67 3.81 -3.46
C TYR A 159 -10.26 4.56 -4.72
N HIS A 160 -10.19 3.86 -5.86
CA HIS A 160 -9.87 4.52 -7.12
C HIS A 160 -10.87 5.64 -7.43
N THR A 161 -12.16 5.39 -7.17
CA THR A 161 -13.17 6.38 -7.51
C THR A 161 -13.02 7.63 -6.67
N TRP A 162 -12.82 7.47 -5.36
CA TRP A 162 -12.63 8.62 -4.49
C TRP A 162 -11.37 9.41 -4.87
N ALA A 163 -10.26 8.70 -5.17
CA ALA A 163 -9.06 9.39 -5.59
C ALA A 163 -9.29 10.15 -6.90
N TYR A 164 -10.00 9.53 -7.84
CA TYR A 164 -10.32 10.21 -9.10
C TYR A 164 -11.16 11.46 -8.87
N LEU A 165 -12.15 11.39 -7.97
CA LEU A 165 -12.97 12.57 -7.65
C LEU A 165 -12.11 13.71 -7.10
N HIS A 166 -11.19 13.40 -6.17
CA HIS A 166 -10.21 14.38 -5.69
C HIS A 166 -9.43 14.99 -6.85
N TRP A 167 -8.94 14.15 -7.77
CA TRP A 167 -8.15 14.67 -8.88
C TRP A 167 -8.99 15.58 -9.77
N LEU A 168 -10.23 15.19 -10.03
CA LEU A 168 -11.07 15.95 -10.95
C LEU A 168 -11.30 17.36 -10.43
N TYR A 169 -11.65 17.49 -9.15
CA TYR A 169 -11.88 18.81 -8.56
C TYR A 169 -10.57 19.60 -8.45
N SER A 170 -9.46 18.92 -8.17
CA SER A 170 -8.18 19.61 -8.02
C SER A 170 -7.68 20.13 -9.36
N HIS A 171 -7.73 19.28 -10.38
CA HIS A 171 -7.29 19.67 -11.71
C HIS A 171 -8.15 20.80 -12.29
N PHE A 172 -9.46 20.63 -12.26
CA PHE A 172 -10.30 21.67 -12.88
C PHE A 172 -10.42 22.91 -12.02
N SER A 173 -10.19 22.84 -10.70
CA SER A 173 -10.14 24.07 -9.93
C SER A 173 -8.87 24.85 -10.22
N THR A 174 -7.77 24.15 -10.49
CA THR A 174 -6.55 24.83 -10.93
C THR A 174 -6.76 25.62 -12.22
N LEU A 175 -7.62 25.14 -13.12
CA LEU A 175 -7.98 25.87 -14.34
C LEU A 175 -9.05 26.93 -14.09
N GLY A 176 -9.52 27.07 -12.85
CA GLY A 176 -10.52 28.06 -12.52
C GLY A 176 -11.93 27.67 -12.89
N ARG A 177 -12.21 26.37 -13.09
CA ARG A 177 -13.46 25.94 -13.68
C ARG A 177 -14.44 25.32 -12.70
N ILE A 178 -14.18 25.38 -11.40
CA ILE A 178 -15.16 24.97 -10.38
C ILE A 178 -15.76 26.20 -9.73
N SER A 179 -17.07 26.40 -9.91
CA SER A 179 -17.77 27.56 -9.39
C SER A 179 -18.15 27.36 -7.93
N GLU A 180 -18.47 28.47 -7.25
CA GLU A 180 -18.91 28.40 -5.86
C GLU A 180 -20.19 27.57 -5.73
N ALA A 181 -21.10 27.67 -6.70
CA ALA A 181 -22.28 26.82 -6.66
C ALA A 181 -21.90 25.35 -6.77
N GLN A 182 -20.92 25.03 -7.60
CA GLN A 182 -20.49 23.64 -7.73
C GLN A 182 -19.89 23.10 -6.42
N TRP A 183 -19.01 23.89 -5.76
CA TRP A 183 -18.48 23.46 -4.46
C TRP A 183 -19.61 23.27 -3.45
N GLY A 184 -20.60 24.13 -3.49
CA GLY A 184 -21.68 24.04 -2.50
C GLY A 184 -22.51 22.78 -2.67
N SER A 185 -22.83 22.42 -3.90
CA SER A 185 -23.59 21.19 -4.09
C SER A 185 -22.75 19.95 -3.85
N GLU A 186 -21.42 20.05 -3.99
CA GLU A 186 -20.57 18.92 -3.64
C GLU A 186 -20.59 18.65 -2.14
N LEU A 187 -20.64 19.70 -1.32
CA LEU A 187 -20.77 19.47 0.12
C LEU A 187 -22.15 18.91 0.46
N ASP A 188 -23.20 19.41 -0.21
CA ASP A 188 -24.54 18.83 -0.05
C ASP A 188 -24.52 17.33 -0.34
N TRP A 189 -23.88 16.93 -1.43
CA TRP A 189 -23.80 15.51 -1.76
C TRP A 189 -22.99 14.75 -0.71
N CYS A 190 -21.89 15.33 -0.24
CA CYS A 190 -21.08 14.67 0.77
C CYS A 190 -21.86 14.48 2.06
N ASN A 191 -22.62 15.50 2.47
CA ASN A 191 -23.45 15.40 3.67
C ASN A 191 -24.47 14.28 3.54
N GLU A 192 -25.02 14.09 2.34
CA GLU A 192 -26.00 13.03 2.14
C GLU A 192 -25.34 11.64 2.19
N MET A 193 -24.14 11.50 1.64
CA MET A 193 -23.42 10.24 1.77
C MET A 193 -23.23 9.87 3.23
N LEU A 194 -22.82 10.84 4.06
CA LEU A 194 -22.58 10.54 5.47
C LEU A 194 -23.88 10.35 6.24
N ARG A 195 -24.98 10.95 5.79
CA ARG A 195 -26.28 10.67 6.38
C ARG A 195 -26.70 9.22 6.13
N VAL A 196 -26.48 8.72 4.92
CA VAL A 196 -26.86 7.35 4.60
C VAL A 196 -25.95 6.35 5.31
N ASP A 197 -24.64 6.66 5.45
CA ASP A 197 -23.74 5.79 6.20
C ASP A 197 -22.67 6.65 6.86
N GLY A 198 -22.89 7.01 8.13
CA GLY A 198 -21.92 7.80 8.86
C GLY A 198 -20.60 7.11 9.13
N ARG A 199 -20.51 5.81 8.85
CA ARG A 199 -19.26 5.06 8.99
C ARG A 199 -18.47 4.99 7.69
N ASN A 200 -18.88 5.74 6.65
CA ASN A 200 -18.13 5.75 5.40
C ASN A 200 -16.93 6.69 5.56
N ASN A 201 -15.77 6.10 5.87
CA ASN A 201 -14.55 6.89 6.06
C ASN A 201 -14.09 7.58 4.79
N SER A 202 -14.44 7.04 3.61
CA SER A 202 -14.11 7.71 2.36
C SER A 202 -14.82 9.06 2.27
N ALA A 203 -16.07 9.12 2.70
CA ALA A 203 -16.81 10.38 2.63
C ALA A 203 -16.32 11.38 3.68
N TRP A 204 -15.90 10.89 4.85
CA TRP A 204 -15.22 11.76 5.80
C TRP A 204 -13.94 12.35 5.20
N GLY A 205 -13.16 11.53 4.48
CA GLY A 205 -11.99 12.09 3.80
C GLY A 205 -12.36 13.17 2.80
N TRP A 206 -13.44 12.96 2.04
CA TRP A 206 -13.88 13.97 1.08
C TRP A 206 -14.32 15.26 1.78
N ARG A 207 -15.03 15.14 2.92
CA ARG A 207 -15.40 16.32 3.67
C ARG A 207 -14.17 17.13 4.07
N TRP A 208 -13.09 16.43 4.46
CA TRP A 208 -11.86 17.12 4.84
C TRP A 208 -11.30 17.93 3.67
N TYR A 209 -11.34 17.37 2.46
CA TYR A 209 -10.90 18.13 1.29
C TYR A 209 -11.77 19.36 1.09
N LEU A 210 -13.09 19.18 1.15
CA LEU A 210 -14.03 20.26 0.86
C LEU A 210 -13.93 21.39 1.87
N ARG A 211 -13.75 21.04 3.15
CA ARG A 211 -13.87 22.02 4.22
C ARG A 211 -12.53 22.53 4.74
N VAL A 212 -11.45 21.74 4.60
CA VAL A 212 -10.19 22.05 5.26
C VAL A 212 -9.02 22.19 4.28
N SER A 213 -8.75 21.14 3.48
CA SER A 213 -7.47 21.08 2.78
C SER A 213 -7.46 21.78 1.42
N ARG A 214 -8.57 21.80 0.68
CA ARG A 214 -8.53 22.41 -0.64
C ARG A 214 -8.11 23.89 -0.54
N PRO A 215 -7.32 24.39 -1.48
CA PRO A 215 -6.80 25.77 -1.34
C PRO A 215 -7.89 26.83 -1.23
N GLY A 216 -9.04 26.62 -1.84
CA GLY A 216 -10.07 27.64 -1.80
C GLY A 216 -10.95 27.65 -0.57
N ALA A 217 -10.72 26.76 0.40
CA ALA A 217 -11.59 26.67 1.58
C ALA A 217 -11.54 27.96 2.40
N GLU A 218 -12.68 28.29 3.01
CA GLU A 218 -12.76 29.40 3.95
C GLU A 218 -12.24 28.97 5.32
N THR A 219 -11.45 29.84 5.95
CA THR A 219 -11.05 29.66 7.34
C THR A 219 -11.41 30.92 8.10
N SER A 220 -12.51 30.85 8.86
CA SER A 220 -13.00 31.98 9.63
C SER A 220 -13.49 31.47 10.97
N SER A 221 -13.83 32.43 11.85
CA SER A 221 -14.40 32.07 13.14
C SER A 221 -15.72 31.31 12.96
N ARG A 222 -16.54 31.71 11.98
CA ARG A 222 -17.80 31.05 11.73
C ARG A 222 -17.58 29.62 11.22
N SER A 223 -16.68 29.44 10.25
CA SER A 223 -16.48 28.13 9.65
C SER A 223 -15.91 27.14 10.67
N LEU A 224 -15.02 27.61 11.55
CA LEU A 224 -14.49 26.73 12.59
C LEU A 224 -15.59 26.33 13.56
N GLN A 225 -16.50 27.26 13.89
CA GLN A 225 -17.61 26.94 14.77
C GLN A 225 -18.55 25.94 14.12
N ASP A 226 -18.91 26.17 12.85
CA ASP A 226 -19.79 25.25 12.13
C ASP A 226 -19.19 23.86 12.07
N GLU A 227 -17.91 23.78 11.71
CA GLU A 227 -17.29 22.47 11.55
C GLU A 227 -17.30 21.70 12.86
N LEU A 228 -16.93 22.38 13.96
CA LEU A 228 -16.94 21.74 15.26
C LEU A 228 -18.34 21.25 15.63
N ILE A 229 -19.37 22.02 15.27
CA ILE A 229 -20.74 21.60 15.54
C ILE A 229 -21.07 20.31 14.78
N TYR A 230 -20.71 20.25 13.49
CA TYR A 230 -20.97 19.06 12.69
C TYR A 230 -20.24 17.84 13.24
N ILE A 231 -18.98 18.03 13.67
CA ILE A 231 -18.20 16.91 14.20
C ILE A 231 -18.85 16.37 15.47
N LEU A 232 -19.16 17.25 16.41
CA LEU A 232 -19.70 16.81 17.70
C LEU A 232 -21.08 16.17 17.53
N LYS A 233 -21.94 16.75 16.69
CA LYS A 233 -23.21 16.11 16.39
C LYS A 233 -23.01 14.69 15.86
N SER A 234 -22.00 14.50 15.00
CA SER A 234 -21.75 13.18 14.42
C SER A 234 -21.32 12.18 15.49
N ILE A 235 -20.44 12.60 16.40
CA ILE A 235 -20.04 11.74 17.51
C ILE A 235 -21.24 11.38 18.37
N HIS A 236 -22.10 12.35 18.69
CA HIS A 236 -23.25 12.07 19.55
C HIS A 236 -24.25 11.14 18.86
N LEU A 237 -24.31 11.17 17.53
CA LEU A 237 -25.15 10.23 16.80
C LEU A 237 -24.59 8.81 16.84
N ILE A 238 -23.27 8.65 16.70
CA ILE A 238 -22.62 7.33 16.69
C ILE A 238 -21.39 7.39 17.58
N PRO A 239 -21.54 7.27 18.90
CA PRO A 239 -20.38 7.43 19.80
C PRO A 239 -19.21 6.50 19.53
N HIS A 240 -19.42 5.34 18.93
CA HIS A 240 -18.32 4.41 18.70
C HIS A 240 -17.73 4.50 17.29
N ASN A 241 -18.07 5.54 16.52
CA ASN A 241 -17.61 5.68 15.15
C ASN A 241 -16.19 6.26 15.11
N VAL A 242 -15.21 5.40 14.80
CA VAL A 242 -13.81 5.82 14.77
C VAL A 242 -13.57 6.93 13.76
N SER A 243 -14.30 6.91 12.64
CA SER A 243 -14.14 7.96 11.63
C SER A 243 -14.36 9.35 12.22
N ALA A 244 -15.38 9.50 13.05
CA ALA A 244 -15.70 10.81 13.63
C ALA A 244 -14.66 11.24 14.65
N TRP A 245 -14.20 10.31 15.49
CA TRP A 245 -13.14 10.63 16.45
C TRP A 245 -11.87 11.06 15.74
N ASN A 246 -11.46 10.35 14.68
CA ASN A 246 -10.23 10.73 13.98
C ASN A 246 -10.37 12.10 13.33
N TYR A 247 -11.54 12.39 12.75
CA TYR A 247 -11.74 13.70 12.14
C TYR A 247 -11.68 14.80 13.21
N LEU A 248 -12.24 14.55 14.39
CA LEU A 248 -12.16 15.52 15.48
C LEU A 248 -10.71 15.78 15.88
N ARG A 249 -9.93 14.72 16.06
CA ARG A 249 -8.54 14.91 16.49
C ARG A 249 -7.73 15.61 15.42
N GLY A 250 -7.90 15.22 14.16
CA GLY A 250 -7.19 15.90 13.09
C GLY A 250 -7.59 17.36 12.98
N PHE A 251 -8.87 17.63 13.17
CA PHE A 251 -9.38 19.01 13.09
C PHE A 251 -8.71 19.89 14.15
N LEU A 252 -8.78 19.49 15.42
CA LEU A 252 -8.21 20.28 16.50
C LEU A 252 -6.70 20.48 16.29
N LYS A 253 -6.00 19.40 15.93
CA LYS A 253 -4.57 19.48 15.72
C LYS A 253 -4.22 20.39 14.56
N HIS A 254 -4.96 20.28 13.44
CA HIS A 254 -4.64 21.08 12.27
C HIS A 254 -4.76 22.56 12.55
N PHE A 255 -5.76 22.96 13.34
CA PHE A 255 -6.00 24.37 13.62
C PHE A 255 -5.47 24.80 14.99
N SER A 256 -4.66 23.98 15.63
CA SER A 256 -4.04 24.30 16.93
C SER A 256 -5.09 24.75 17.95
N LEU A 257 -6.17 24.00 18.04
CA LEU A 257 -7.24 24.37 18.96
C LEU A 257 -7.14 23.55 20.25
N PRO A 258 -7.40 24.18 21.40
CA PRO A 258 -7.28 23.45 22.68
C PRO A 258 -8.33 22.37 22.82
N LEU A 259 -7.93 21.29 23.51
CA LEU A 259 -8.85 20.19 23.79
C LEU A 259 -9.75 20.50 24.98
N VAL A 260 -9.21 21.20 25.98
CA VAL A 260 -9.93 21.35 27.24
C VAL A 260 -11.30 22.01 27.09
N PRO A 261 -11.44 23.14 26.37
CA PRO A 261 -12.77 23.78 26.31
C PRO A 261 -13.87 22.89 25.79
N ILE A 262 -13.53 21.84 25.02
CA ILE A 262 -14.50 20.92 24.44
C ILE A 262 -14.79 19.74 25.36
N LEU A 263 -13.98 19.55 26.39
CA LEU A 263 -14.10 18.40 27.30
C LEU A 263 -15.52 18.14 27.82
N PRO A 264 -16.38 19.15 28.06
CA PRO A 264 -17.76 18.81 28.48
C PRO A 264 -18.52 17.89 27.53
N ALA A 265 -18.33 18.02 26.21
CA ALA A 265 -19.02 17.14 25.28
C ALA A 265 -18.43 15.74 25.24
N ILE A 266 -17.24 15.53 25.78
CA ILE A 266 -16.53 14.26 25.64
C ILE A 266 -16.63 13.46 26.94
N LEU A 267 -16.61 14.16 28.07
CA LEU A 267 -16.57 13.50 29.38
C LEU A 267 -17.66 12.45 29.60
N PRO A 268 -18.92 12.62 29.16
CA PRO A 268 -19.90 11.55 29.35
C PRO A 268 -19.51 10.21 28.74
N TYR A 269 -18.60 10.17 27.77
CA TYR A 269 -18.19 8.91 27.19
C TYR A 269 -17.01 8.26 27.92
N THR A 270 -16.49 8.89 28.97
CA THR A 270 -15.33 8.39 29.69
C THR A 270 -15.71 7.65 30.97
N ALA A 271 -16.99 7.52 31.27
CA ALA A 271 -17.43 6.92 32.53
C ALA A 271 -17.32 5.40 32.47
N PHE A 286 -21.88 24.28 22.65
CA PHE A 286 -21.66 23.28 21.61
C PHE A 286 -22.51 22.03 21.88
N PRO A 287 -22.75 21.22 20.84
CA PRO A 287 -23.63 20.05 21.01
C PRO A 287 -23.16 19.13 22.13
N MET A 288 -24.11 18.64 22.90
CA MET A 288 -23.91 17.74 24.02
C MET A 288 -24.56 16.39 23.73
N PRO A 289 -24.13 15.32 24.39
CA PRO A 289 -24.73 14.01 24.12
C PRO A 289 -26.15 13.94 24.64
N SER A 290 -26.88 12.94 24.12
CA SER A 290 -28.26 12.73 24.55
C SER A 290 -28.31 12.37 26.03
N ASP A 291 -29.34 12.89 26.73
CA ASP A 291 -29.40 12.72 28.19
C ASP A 291 -29.45 11.26 28.61
N PRO A 292 -30.35 10.41 28.08
CA PRO A 292 -29.99 8.99 28.01
C PRO A 292 -29.22 8.76 26.72
N LEU A 293 -28.02 8.18 26.82
CA LEU A 293 -27.27 7.87 25.62
C LEU A 293 -28.06 6.90 24.77
N PRO A 294 -27.79 6.84 23.47
CA PRO A 294 -28.42 5.80 22.63
C PRO A 294 -28.19 4.42 23.24
N GLU A 295 -29.14 3.52 23.02
CA GLU A 295 -28.93 2.14 23.42
C GLU A 295 -27.76 1.55 22.62
N ASP A 296 -27.21 0.47 23.17
CA ASP A 296 -26.05 -0.21 22.59
C ASP A 296 -24.84 0.73 22.50
N THR A 297 -24.57 1.43 23.60
CA THR A 297 -23.42 2.32 23.72
C THR A 297 -22.68 2.02 25.02
N PRO A 298 -21.94 0.91 25.07
CA PRO A 298 -21.20 0.57 26.29
C PRO A 298 -20.08 1.57 26.55
N LEU A 299 -19.83 1.84 27.83
CA LEU A 299 -18.86 2.83 28.26
C LEU A 299 -17.71 2.17 29.03
N PRO A 300 -16.51 2.76 29.01
CA PRO A 300 -16.19 3.99 28.28
C PRO A 300 -15.83 3.75 26.81
N VAL A 301 -15.87 4.82 26.03
CA VAL A 301 -15.43 4.78 24.63
C VAL A 301 -13.94 4.98 24.62
N PRO A 302 -13.15 4.01 24.12
CA PRO A 302 -11.68 4.12 24.24
C PRO A 302 -11.10 5.41 23.67
N LEU A 303 -11.57 5.88 22.51
CA LEU A 303 -11.00 7.10 21.97
C LEU A 303 -11.43 8.34 22.76
N ALA A 304 -12.53 8.25 23.51
CA ALA A 304 -12.85 9.32 24.47
C ALA A 304 -11.82 9.36 25.58
N LEU A 305 -11.36 8.21 26.05
CA LEU A 305 -10.30 8.18 27.06
C LEU A 305 -9.00 8.75 26.50
N GLU A 306 -8.67 8.43 25.23
CA GLU A 306 -7.51 9.04 24.61
C GLU A 306 -7.64 10.57 24.59
N TYR A 307 -8.83 11.07 24.28
CA TYR A 307 -9.07 12.51 24.34
C TYR A 307 -8.80 13.04 25.75
N LEU A 308 -9.36 12.38 26.77
CA LEU A 308 -9.15 12.84 28.14
C LEU A 308 -7.67 12.85 28.50
N ALA A 309 -6.96 11.76 28.19
CA ALA A 309 -5.53 11.69 28.50
C ALA A 309 -4.78 12.84 27.84
N ASP A 310 -5.00 13.06 26.53
CA ASP A 310 -4.33 14.14 25.83
C ASP A 310 -4.70 15.50 26.41
N SER A 311 -5.95 15.65 26.86
CA SER A 311 -6.33 16.91 27.49
C SER A 311 -5.63 17.08 28.83
N PHE A 312 -5.40 16.00 29.57
CA PHE A 312 -4.57 16.07 30.76
C PHE A 312 -3.16 16.54 30.41
N ILE A 313 -2.59 15.98 29.34
CA ILE A 313 -1.25 16.39 28.91
C ILE A 313 -1.25 17.87 28.56
N GLU A 314 -2.31 18.34 27.88
CA GLU A 314 -2.44 19.76 27.58
C GLU A 314 -2.41 20.60 28.85
N GLN A 315 -2.96 20.09 29.94
CA GLN A 315 -2.92 20.77 31.23
C GLN A 315 -1.63 20.51 32.01
N ASN A 316 -0.66 19.84 31.40
CA ASN A 316 0.61 19.49 32.05
C ASN A 316 0.43 18.56 33.25
N ARG A 317 -0.71 17.88 33.34
CA ARG A 317 -0.98 16.94 34.42
C ARG A 317 -0.61 15.53 33.95
N VAL A 318 0.71 15.27 33.95
CA VAL A 318 1.22 14.04 33.35
C VAL A 318 0.79 12.82 34.15
N ASP A 319 0.73 12.94 35.49
CA ASP A 319 0.30 11.81 36.31
C ASP A 319 -1.13 11.40 35.99
N ASP A 320 -2.01 12.38 35.82
CA ASP A 320 -3.39 12.06 35.45
C ASP A 320 -3.45 11.43 34.07
N ALA A 321 -2.68 11.95 33.11
CA ALA A 321 -2.64 11.32 31.79
C ALA A 321 -2.12 9.90 31.88
N ALA A 322 -1.07 9.67 32.67
CA ALA A 322 -0.50 8.33 32.80
C ALA A 322 -1.51 7.34 33.35
N LYS A 323 -2.33 7.78 34.31
CA LYS A 323 -3.35 6.89 34.87
C LYS A 323 -4.39 6.50 33.83
N VAL A 324 -4.74 7.42 32.92
CA VAL A 324 -5.70 7.08 31.87
C VAL A 324 -5.09 6.11 30.88
N PHE A 325 -3.82 6.35 30.49
CA PHE A 325 -3.15 5.42 29.58
C PHE A 325 -3.04 4.03 30.21
N GLU A 326 -2.79 3.98 31.52
CA GLU A 326 -2.67 2.69 32.18
C GLU A 326 -3.98 1.91 32.13
N LYS A 327 -5.12 2.59 32.29
CA LYS A 327 -6.42 1.93 32.21
C LYS A 327 -6.74 1.50 30.79
N LEU A 328 -6.39 2.31 29.79
CA LEU A 328 -6.54 1.88 28.41
C LEU A 328 -5.73 0.61 28.15
N SER A 329 -4.52 0.54 28.70
CA SER A 329 -3.64 -0.59 28.44
C SER A 329 -4.12 -1.87 29.11
N SER A 330 -4.57 -1.78 30.36
CA SER A 330 -4.90 -2.98 31.12
C SER A 330 -6.38 -3.33 31.12
N GLU A 331 -7.29 -2.39 30.81
CA GLU A 331 -8.68 -2.84 30.86
C GLU A 331 -9.52 -2.49 29.64
N TYR A 332 -9.37 -1.29 29.09
CA TYR A 332 -10.40 -0.79 28.18
C TYR A 332 -10.06 -0.94 26.70
N ASP A 333 -8.78 -1.03 26.34
CA ASP A 333 -8.37 -1.21 24.94
C ASP A 333 -7.18 -2.19 24.86
N GLN A 334 -7.36 -3.39 25.43
CA GLN A 334 -6.25 -4.30 25.68
C GLN A 334 -5.57 -4.82 24.40
N MET A 335 -6.23 -4.80 23.25
CA MET A 335 -5.52 -5.16 22.02
C MET A 335 -4.30 -4.27 21.82
N ARG A 336 -4.39 -3.01 22.24
CA ARG A 336 -3.30 -2.04 22.12
C ARG A 336 -2.57 -1.85 23.45
N ALA A 337 -2.47 -2.91 24.26
CA ALA A 337 -1.88 -2.79 25.60
C ALA A 337 -0.46 -2.24 25.55
N GLY A 338 0.33 -2.65 24.55
CA GLY A 338 1.71 -2.21 24.48
C GLY A 338 1.84 -0.76 24.04
N TYR A 339 1.04 -0.34 23.06
CA TYR A 339 1.04 1.06 22.66
C TYR A 339 0.61 1.96 23.80
N TRP A 340 -0.45 1.60 24.53
CA TRP A 340 -0.90 2.45 25.62
C TRP A 340 0.09 2.45 26.79
N GLU A 341 0.82 1.35 26.99
CA GLU A 341 1.89 1.35 27.98
C GLU A 341 3.03 2.27 27.55
N PHE A 342 3.37 2.25 26.26
CA PHE A 342 4.35 3.19 25.73
C PHE A 342 3.95 4.62 26.04
N ARG A 343 2.69 4.97 25.76
CA ARG A 343 2.17 6.30 26.07
C ARG A 343 2.24 6.58 27.58
N ARG A 344 1.89 5.60 28.40
CA ARG A 344 1.99 5.78 29.85
C ARG A 344 3.42 6.10 30.27
N ARG A 345 4.38 5.33 29.74
CA ARG A 345 5.77 5.51 30.15
C ARG A 345 6.32 6.86 29.75
N GLU A 346 5.89 7.40 28.60
CA GLU A 346 6.35 8.73 28.20
C GLU A 346 6.01 9.78 29.25
N CYS A 347 4.88 9.61 29.95
CA CYS A 347 4.44 10.59 30.92
C CYS A 347 5.07 10.39 32.30
N ALA A 348 5.55 9.19 32.61
CA ALA A 348 6.16 8.92 33.91
C ALA A 348 7.68 8.78 33.80
N ALA B 2 7.87 -11.66 27.88
CA ALA B 2 7.91 -10.93 26.61
C ALA B 2 6.52 -10.67 26.07
N THR B 3 5.49 -11.17 26.78
CA THR B 3 4.11 -11.14 26.30
C THR B 3 3.15 -10.47 27.28
N GLU B 4 3.65 -9.73 28.27
CA GLU B 4 2.76 -9.10 29.24
C GLU B 4 1.79 -8.15 28.56
N PHE B 5 2.22 -7.52 27.46
CA PHE B 5 1.44 -6.51 26.76
C PHE B 5 0.96 -6.99 25.41
N THR B 6 1.05 -8.29 25.13
CA THR B 6 0.53 -8.89 23.90
C THR B 6 -0.45 -10.00 24.27
N PRO B 7 -1.63 -9.66 24.77
CA PRO B 7 -2.56 -10.71 25.23
C PRO B 7 -3.10 -11.53 24.07
N SER B 8 -3.24 -12.82 24.32
CA SER B 8 -3.86 -13.70 23.34
C SER B 8 -5.32 -13.35 23.14
N VAL B 9 -5.78 -13.53 21.89
CA VAL B 9 -7.18 -13.31 21.55
C VAL B 9 -8.10 -14.22 22.38
N TYR B 10 -7.66 -15.43 22.69
CA TYR B 10 -8.48 -16.32 23.51
C TYR B 10 -8.56 -15.90 24.97
N SER B 11 -7.71 -14.98 25.42
CA SER B 11 -7.73 -14.54 26.80
C SER B 11 -8.55 -13.28 27.02
N LEU B 12 -9.09 -12.71 25.95
CA LEU B 12 -9.86 -11.47 26.01
C LEU B 12 -11.34 -11.74 25.71
N VAL B 13 -12.20 -10.88 26.25
CA VAL B 13 -13.63 -11.00 26.00
C VAL B 13 -13.92 -10.52 24.58
N SER B 14 -14.54 -11.38 23.78
CA SER B 14 -14.92 -11.05 22.41
C SER B 14 -16.32 -10.45 22.40
N LYS B 15 -16.44 -9.24 21.86
CA LYS B 15 -17.72 -8.56 21.77
C LYS B 15 -17.82 -7.82 20.44
N PRO B 16 -19.01 -7.75 19.86
CA PRO B 16 -19.17 -7.05 18.58
C PRO B 16 -18.92 -5.56 18.71
N LEU B 17 -18.56 -4.94 17.59
CA LEU B 17 -18.53 -3.49 17.50
C LEU B 17 -19.93 -2.97 17.84
N PRO B 18 -20.07 -2.08 18.82
CA PRO B 18 -21.41 -1.61 19.20
C PRO B 18 -22.07 -0.80 18.10
N SER B 19 -23.41 -0.86 18.07
CA SER B 19 -24.19 -0.24 17.02
C SER B 19 -24.65 1.17 17.34
N ASN B 20 -24.69 1.55 18.61
CA ASN B 20 -25.26 2.83 19.04
C ASN B 20 -26.70 3.03 18.55
N SER B 21 -27.40 1.93 18.26
CA SER B 21 -28.77 1.96 17.70
C SER B 21 -28.83 2.69 16.37
N ARG B 22 -27.75 2.63 15.59
CA ARG B 22 -27.67 3.30 14.28
C ARG B 22 -27.14 2.32 13.24
N PRO B 23 -28.01 1.54 12.61
CA PRO B 23 -27.55 0.59 11.61
C PRO B 23 -27.03 1.30 10.36
N SER B 24 -26.07 0.65 9.70
CA SER B 24 -25.62 1.12 8.39
C SER B 24 -24.98 -0.05 7.65
N ALA B 25 -24.72 0.19 6.36
CA ALA B 25 -24.16 -0.87 5.51
C ALA B 25 -22.79 -1.32 6.03
N THR B 26 -21.94 -0.36 6.43
CA THR B 26 -20.66 -0.68 7.04
C THR B 26 -20.83 -1.66 8.21
N LEU B 27 -21.81 -1.40 9.07
CA LEU B 27 -21.99 -2.23 10.26
C LEU B 27 -22.54 -3.60 9.91
N ASP B 28 -23.43 -3.68 8.90
CA ASP B 28 -23.90 -4.97 8.43
C ASP B 28 -22.73 -5.87 8.03
N GLU B 29 -21.79 -5.33 7.26
CA GLU B 29 -20.66 -6.13 6.79
C GLU B 29 -19.72 -6.46 7.94
N GLN B 30 -19.47 -5.49 8.82
CA GLN B 30 -18.60 -5.72 9.97
C GLN B 30 -19.13 -6.84 10.85
N ALA B 31 -20.42 -6.79 11.20
CA ALA B 31 -20.99 -7.78 12.11
C ALA B 31 -20.96 -9.17 11.50
N GLU B 32 -21.17 -9.25 10.19
CA GLU B 32 -21.13 -10.53 9.48
C GLU B 32 -19.72 -11.09 9.46
N THR B 33 -18.72 -10.23 9.30
CA THR B 33 -17.33 -10.67 9.31
C THR B 33 -16.89 -11.08 10.71
N GLU B 34 -17.39 -10.37 11.74
CA GLU B 34 -17.14 -10.78 13.12
C GLU B 34 -17.66 -12.19 13.38
N ASP B 35 -18.86 -12.50 12.87
CA ASP B 35 -19.41 -13.84 13.05
C ASP B 35 -18.56 -14.88 12.36
N LEU B 36 -18.08 -14.59 11.15
CA LEU B 36 -17.26 -15.54 10.41
C LEU B 36 -15.96 -15.85 11.16
N ILE B 37 -15.24 -14.82 11.58
CA ILE B 37 -13.93 -15.04 12.18
C ILE B 37 -14.07 -15.65 13.57
N SER B 38 -14.99 -15.13 14.39
CA SER B 38 -15.11 -15.64 15.75
C SER B 38 -15.57 -17.09 15.78
N GLN B 39 -16.42 -17.51 14.84
CA GLN B 39 -16.83 -18.91 14.80
C GLN B 39 -15.67 -19.84 14.43
N LEU B 40 -14.76 -19.38 13.57
CA LEU B 40 -13.63 -20.23 13.22
C LEU B 40 -12.65 -20.35 14.40
N PHE B 41 -12.44 -19.25 15.14
CA PHE B 41 -11.65 -19.32 16.36
C PHE B 41 -12.30 -20.25 17.38
N ASP B 42 -13.63 -20.21 17.49
CA ASP B 42 -14.33 -21.09 18.42
C ASP B 42 -14.15 -22.56 18.05
N LEU B 43 -14.01 -22.87 16.76
CA LEU B 43 -13.77 -24.24 16.32
C LEU B 43 -12.31 -24.68 16.43
N THR B 44 -11.38 -23.79 16.80
CA THR B 44 -9.95 -24.06 16.73
C THR B 44 -9.34 -24.06 18.12
N ALA B 45 -8.50 -25.06 18.41
CA ALA B 45 -7.79 -25.10 19.69
C ALA B 45 -6.89 -23.89 19.83
N ASP B 46 -6.90 -23.28 21.01
CA ASP B 46 -6.01 -22.20 21.37
C ASP B 46 -4.56 -22.59 21.07
N PRO B 47 -3.87 -21.88 20.18
CA PRO B 47 -2.48 -22.26 19.83
C PRO B 47 -1.54 -22.23 21.02
N ASN B 48 -1.85 -21.46 22.05
CA ASN B 48 -0.97 -21.34 23.20
C ASN B 48 -1.14 -22.47 24.21
N ALA B 49 -1.96 -23.46 23.94
CA ALA B 49 -2.15 -24.58 24.89
C ALA B 49 -1.06 -25.65 24.76
N LEU B 50 -0.66 -26.22 25.90
CA LEU B 50 0.39 -27.26 26.07
C LEU B 50 0.01 -28.58 25.39
N VAL B 51 -1.25 -28.98 25.53
CA VAL B 51 -1.78 -30.21 24.86
C VAL B 51 -3.04 -29.73 24.13
N SER B 52 -3.11 -30.01 22.83
CA SER B 52 -4.17 -29.48 21.98
C SER B 52 -5.51 -30.14 22.29
N GLU B 53 -6.57 -29.34 22.25
CA GLU B 53 -7.89 -29.78 22.70
C GLU B 53 -8.49 -30.84 21.77
N HIS B 54 -9.27 -31.74 22.36
CA HIS B 54 -9.87 -32.84 21.63
C HIS B 54 -11.15 -32.38 20.92
N GLY B 55 -11.30 -32.77 19.65
CA GLY B 55 -12.44 -32.38 18.85
C GLY B 55 -12.30 -31.05 18.10
N LYS B 56 -11.23 -30.29 18.34
CA LYS B 56 -11.09 -28.97 17.74
C LYS B 56 -9.92 -28.94 16.74
N ARG B 57 -10.02 -28.03 15.77
CA ARG B 57 -9.01 -27.97 14.72
C ARG B 57 -7.65 -27.55 15.29
N TYR B 58 -6.58 -28.15 14.77
CA TYR B 58 -5.23 -27.79 15.15
C TYR B 58 -4.71 -26.66 14.24
N SER B 59 -4.14 -25.61 14.85
CA SER B 59 -3.79 -24.38 14.15
C SER B 59 -2.35 -24.31 13.65
N GLY B 60 -1.54 -25.35 13.86
CA GLY B 60 -0.17 -25.30 13.40
C GLY B 60 -0.02 -24.89 11.94
N LEU B 61 1.06 -24.18 11.62
CA LEU B 61 1.30 -23.68 10.27
C LEU B 61 1.52 -24.85 9.31
N ARG B 62 0.67 -24.96 8.30
CA ARG B 62 0.70 -26.16 7.45
C ARG B 62 1.66 -25.94 6.29
N LYS B 63 2.95 -25.91 6.63
CA LYS B 63 3.98 -25.42 5.70
C LYS B 63 4.05 -26.25 4.43
N GLN B 64 3.85 -27.57 4.54
CA GLN B 64 3.93 -28.42 3.35
C GLN B 64 2.73 -28.22 2.45
N GLU B 65 1.54 -27.99 3.02
CA GLU B 65 0.39 -27.60 2.20
C GLU B 65 0.67 -26.31 1.45
N HIS B 66 1.25 -25.32 2.13
CA HIS B 66 1.52 -24.04 1.47
C HIS B 66 2.60 -24.19 0.39
N THR B 67 3.59 -25.05 0.62
CA THR B 67 4.58 -25.32 -0.41
C THR B 67 3.94 -25.94 -1.64
N GLN B 68 3.07 -26.94 -1.45
CA GLN B 68 2.40 -27.56 -2.57
C GLN B 68 1.50 -26.56 -3.31
N PHE B 69 0.85 -25.65 -2.56
CA PHE B 69 0.04 -24.62 -3.20
C PHE B 69 0.87 -23.76 -4.13
N LEU B 70 2.05 -23.35 -3.67
CA LEU B 70 2.91 -22.51 -4.51
C LEU B 70 3.50 -23.26 -5.70
N ALA B 71 3.59 -24.60 -5.64
CA ALA B 71 4.31 -25.34 -6.67
C ALA B 71 3.71 -25.20 -8.07
N SER B 72 2.45 -24.79 -8.17
N SER B 72 2.47 -24.77 -8.19
CA SER B 72 1.83 -24.55 -9.47
CA SER B 72 1.90 -24.64 -9.54
C SER B 72 2.67 -23.62 -10.34
C SER B 72 2.60 -23.57 -10.37
N SER B 73 3.23 -22.58 -9.72
CA SER B 73 3.98 -21.56 -10.45
C SER B 73 5.05 -22.16 -11.35
N PHE B 74 5.69 -23.25 -10.93
CA PHE B 74 6.81 -23.82 -11.73
C PHE B 74 6.33 -24.84 -12.73
N PHE B 75 5.02 -24.86 -12.93
CA PHE B 75 4.38 -25.70 -13.94
C PHE B 75 3.52 -24.77 -14.77
N GLN B 76 2.41 -24.31 -14.21
CA GLN B 76 1.48 -23.46 -14.98
C GLN B 76 0.33 -23.00 -14.12
N LEU B 77 -0.37 -21.99 -14.60
CA LEU B 77 -1.55 -21.41 -13.98
C LEU B 77 -2.73 -21.52 -14.94
N PRO B 78 -3.94 -21.77 -14.41
CA PRO B 78 -5.12 -21.87 -15.29
C PRO B 78 -5.37 -20.58 -16.05
N GLY B 79 -6.20 -20.69 -17.09
CA GLY B 79 -6.45 -19.57 -17.97
C GLY B 79 -7.18 -18.41 -17.33
N LYS B 80 -7.98 -18.68 -16.30
CA LYS B 80 -8.77 -17.63 -15.65
C LYS B 80 -7.92 -16.60 -14.94
N PHE B 81 -6.61 -16.80 -14.85
CA PHE B 81 -5.72 -15.81 -14.26
C PHE B 81 -5.01 -14.97 -15.31
N VAL B 82 -5.54 -14.91 -16.53
CA VAL B 82 -5.04 -13.98 -17.53
C VAL B 82 -5.08 -12.54 -17.01
N SER B 83 -5.93 -12.26 -16.02
CA SER B 83 -5.97 -10.92 -15.43
C SER B 83 -4.65 -10.53 -14.77
N LEU B 84 -3.79 -11.51 -14.49
CA LEU B 84 -2.46 -11.24 -13.95
C LEU B 84 -1.37 -11.34 -15.01
N ASP B 85 -1.75 -11.37 -16.30
CA ASP B 85 -0.76 -11.54 -17.35
C ASP B 85 0.23 -10.38 -17.41
N ALA B 86 -0.17 -9.19 -16.93
CA ALA B 86 0.75 -8.06 -16.87
C ALA B 86 1.45 -7.96 -15.53
N SER B 87 1.37 -9.01 -14.69
CA SER B 87 1.97 -9.01 -13.36
C SER B 87 2.77 -10.28 -13.12
N ARG B 88 3.29 -10.90 -14.17
CA ARG B 88 3.98 -12.17 -13.97
C ARG B 88 5.21 -12.05 -13.07
N PRO B 89 6.00 -10.97 -13.10
CA PRO B 89 7.07 -10.82 -12.08
C PRO B 89 6.56 -10.86 -10.65
N TRP B 90 5.32 -10.41 -10.38
CA TRP B 90 4.76 -10.49 -9.04
C TRP B 90 4.42 -11.93 -8.67
N LEU B 91 3.94 -12.71 -9.65
CA LEU B 91 3.75 -14.13 -9.42
C LEU B 91 5.07 -14.81 -9.07
N VAL B 92 6.16 -14.40 -9.72
CA VAL B 92 7.47 -14.92 -9.36
C VAL B 92 7.83 -14.54 -7.92
N PHE B 93 7.77 -13.23 -7.62
CA PHE B 93 8.18 -12.74 -6.31
C PHE B 93 7.35 -13.35 -5.18
N TRP B 94 6.03 -13.36 -5.33
CA TRP B 94 5.17 -13.93 -4.30
C TRP B 94 5.56 -15.38 -4.04
N THR B 95 5.91 -16.11 -5.09
CA THR B 95 6.28 -17.51 -4.94
C THR B 95 7.64 -17.66 -4.27
N VAL B 96 8.67 -16.99 -4.81
CA VAL B 96 10.02 -17.30 -4.35
C VAL B 96 10.32 -16.66 -3.00
N HIS B 97 9.68 -15.54 -2.66
CA HIS B 97 9.84 -14.99 -1.32
C HIS B 97 9.09 -15.83 -0.30
N SER B 98 7.91 -16.33 -0.66
CA SER B 98 7.18 -17.22 0.23
C SER B 98 7.97 -18.48 0.52
N LEU B 99 8.63 -19.04 -0.51
CA LEU B 99 9.43 -20.25 -0.30
C LEU B 99 10.63 -19.97 0.61
N ASP B 100 11.30 -18.83 0.42
CA ASP B 100 12.33 -18.38 1.35
C ASP B 100 11.80 -18.33 2.79
N LEU B 101 10.66 -17.67 3.00
CA LEU B 101 10.08 -17.58 4.34
C LEU B 101 9.80 -18.96 4.91
N LEU B 102 9.27 -19.86 4.08
CA LEU B 102 8.94 -21.20 4.53
C LEU B 102 10.15 -22.12 4.66
N GLY B 103 11.34 -21.65 4.26
CA GLY B 103 12.55 -22.44 4.40
C GLY B 103 12.72 -23.55 3.39
N VAL B 104 12.15 -23.39 2.19
CA VAL B 104 12.18 -24.41 1.15
C VAL B 104 13.11 -23.92 0.04
N ALA B 105 14.12 -24.73 -0.28
CA ALA B 105 15.09 -24.37 -1.30
C ALA B 105 14.62 -24.82 -2.68
N LEU B 106 14.89 -23.98 -3.68
CA LEU B 106 14.77 -24.35 -5.09
C LEU B 106 16.08 -24.97 -5.55
N ASP B 107 16.02 -25.98 -6.41
CA ASP B 107 17.28 -26.47 -6.97
C ASP B 107 17.78 -25.49 -8.03
N GLN B 108 19.03 -25.70 -8.46
CA GLN B 108 19.70 -24.70 -9.29
C GLN B 108 19.07 -24.60 -10.67
N GLY B 109 18.65 -25.72 -11.25
CA GLY B 109 17.98 -25.67 -12.54
C GLY B 109 16.72 -24.82 -12.49
N THR B 110 15.93 -24.97 -11.43
CA THR B 110 14.73 -24.14 -11.29
C THR B 110 15.08 -22.67 -11.06
N LYS B 111 16.10 -22.40 -10.25
CA LYS B 111 16.55 -21.01 -10.08
C LYS B 111 16.99 -20.41 -11.42
N ASP B 112 17.69 -21.20 -12.25
CA ASP B 112 18.14 -20.70 -13.55
C ASP B 112 16.96 -20.40 -14.47
N ARG B 113 15.89 -21.20 -14.40
CA ARG B 113 14.68 -20.87 -15.14
C ARG B 113 14.06 -19.57 -14.66
N VAL B 114 14.08 -19.32 -13.34
CA VAL B 114 13.56 -18.06 -12.81
C VAL B 114 14.35 -16.88 -13.37
N VAL B 115 15.69 -16.98 -13.32
CA VAL B 115 16.55 -15.90 -13.80
C VAL B 115 16.29 -15.66 -15.28
N SER B 116 16.31 -16.74 -16.08
CA SER B 116 16.16 -16.58 -17.52
C SER B 116 14.82 -15.98 -17.89
N THR B 117 13.74 -16.44 -17.25
CA THR B 117 12.42 -15.87 -17.52
C THR B 117 12.40 -14.38 -17.26
N LEU B 118 12.96 -13.95 -16.13
CA LEU B 118 12.90 -12.54 -15.75
C LEU B 118 13.75 -11.69 -16.69
N LEU B 119 14.90 -12.20 -17.12
CA LEU B 119 15.73 -11.43 -18.05
C LEU B 119 15.07 -11.27 -19.40
N HIS B 120 14.14 -12.17 -19.79
CA HIS B 120 13.35 -11.92 -20.99
C HIS B 120 12.36 -10.77 -20.82
N PHE B 121 12.10 -10.32 -19.59
CA PHE B 121 11.22 -9.19 -19.34
C PHE B 121 11.97 -7.86 -19.30
N LEU B 122 13.29 -7.87 -19.47
CA LEU B 122 14.11 -6.68 -19.33
C LEU B 122 14.26 -6.00 -20.68
N SER B 123 13.84 -4.73 -20.76
CA SER B 123 14.00 -4.04 -22.04
C SER B 123 15.37 -3.38 -22.13
N PRO B 124 16.00 -3.45 -23.31
CA PRO B 124 17.31 -2.79 -23.49
C PRO B 124 17.32 -1.30 -23.19
N LYS B 125 16.21 -0.59 -23.42
CA LYS B 125 16.20 0.84 -23.11
C LYS B 125 15.90 1.13 -21.65
N GLY B 126 15.62 0.11 -20.82
CA GLY B 126 15.59 0.29 -19.39
C GLY B 126 14.34 -0.22 -18.67
N GLY B 127 14.54 -1.07 -17.67
CA GLY B 127 13.44 -1.51 -16.81
C GLY B 127 12.82 -2.82 -17.27
N PHE B 128 12.09 -3.46 -16.33
CA PHE B 128 11.35 -4.68 -16.57
C PHE B 128 9.87 -4.37 -16.79
N GLY B 129 9.24 -5.11 -17.71
CA GLY B 129 7.79 -5.09 -17.84
C GLY B 129 7.14 -6.25 -17.09
N GLY B 130 5.82 -6.32 -17.21
CA GLY B 130 5.07 -7.39 -16.59
C GLY B 130 5.12 -8.70 -17.34
N GLY B 131 5.85 -8.74 -18.44
CA GLY B 131 5.97 -9.91 -19.27
C GLY B 131 7.11 -9.69 -20.24
N PRO B 132 7.21 -10.55 -21.25
CA PRO B 132 8.28 -10.43 -22.26
C PRO B 132 8.41 -9.01 -22.81
N ALA B 133 9.67 -8.58 -22.99
CA ALA B 133 9.94 -7.25 -23.52
C ALA B 133 9.41 -7.06 -24.94
N ASN B 134 9.16 -8.14 -25.69
CA ASN B 134 8.55 -7.97 -27.00
C ASN B 134 7.05 -7.83 -26.93
N SER B 135 6.48 -7.79 -25.72
CA SER B 135 5.03 -7.73 -25.53
C SER B 135 4.59 -6.61 -24.59
N GLN B 136 5.44 -6.24 -23.62
CA GLN B 136 5.04 -5.29 -22.58
C GLN B 136 6.13 -4.24 -22.38
N ILE B 137 5.73 -3.00 -22.14
CA ILE B 137 6.66 -1.91 -21.88
C ILE B 137 7.11 -1.94 -20.42
N PRO B 138 8.24 -1.34 -20.08
CA PRO B 138 8.69 -1.36 -18.67
C PRO B 138 7.73 -0.64 -17.74
N HIS B 139 7.78 -1.02 -16.47
CA HIS B 139 6.86 -0.54 -15.44
C HIS B 139 7.59 -0.59 -14.11
N LEU B 140 7.40 0.44 -13.28
CA LEU B 140 8.14 0.51 -12.01
C LEU B 140 7.83 -0.67 -11.09
N LEU B 141 6.61 -1.19 -11.12
CA LEU B 141 6.25 -2.22 -10.14
C LEU B 141 6.84 -3.57 -10.51
N PRO B 142 6.70 -4.06 -11.76
CA PRO B 142 7.44 -5.27 -12.16
C PRO B 142 8.94 -5.13 -12.06
N THR B 143 9.46 -3.89 -12.14
CA THR B 143 10.90 -3.71 -11.98
C THR B 143 11.35 -4.01 -10.54
N TYR B 144 10.60 -3.54 -9.54
CA TYR B 144 10.84 -3.98 -8.16
C TYR B 144 10.69 -5.49 -8.01
N ALA B 145 9.59 -6.05 -8.51
CA ALA B 145 9.35 -7.48 -8.31
C ALA B 145 10.43 -8.32 -8.99
N SER B 146 10.88 -7.89 -10.18
CA SER B 146 11.92 -8.64 -10.88
C SER B 146 13.26 -8.53 -10.17
N VAL B 147 13.62 -7.32 -9.72
CA VAL B 147 14.90 -7.11 -9.04
C VAL B 147 14.96 -7.92 -7.75
N CYS B 148 13.87 -7.88 -6.96
CA CYS B 148 13.86 -8.64 -5.71
C CYS B 148 13.87 -10.15 -5.97
N SER B 149 13.18 -10.58 -7.03
CA SER B 149 13.20 -12.00 -7.39
C SER B 149 14.60 -12.45 -7.81
N LEU B 150 15.34 -11.58 -8.51
CA LEU B 150 16.72 -11.93 -8.86
C LEU B 150 17.61 -11.96 -7.64
N ALA B 151 17.35 -11.11 -6.65
CA ALA B 151 18.04 -11.21 -5.37
C ALA B 151 17.80 -12.56 -4.71
N ILE B 152 16.59 -13.11 -4.84
CA ILE B 152 16.25 -14.36 -4.16
C ILE B 152 16.76 -15.57 -4.93
N ALA B 153 16.69 -15.55 -6.26
CA ALA B 153 16.96 -16.70 -7.09
C ALA B 153 18.26 -16.64 -7.88
N GLY B 154 18.92 -15.47 -7.97
CA GLY B 154 20.09 -15.31 -8.80
C GLY B 154 21.40 -15.46 -8.04
N ASN B 155 22.49 -15.15 -8.72
CA ASN B 155 23.83 -15.28 -8.14
C ASN B 155 24.82 -14.48 -8.98
N ASP B 156 26.09 -14.51 -8.57
CA ASP B 156 27.09 -13.65 -9.17
C ASP B 156 27.83 -14.29 -10.34
N SER B 157 27.46 -15.50 -10.76
CA SER B 157 28.13 -16.18 -11.86
C SER B 157 27.69 -15.58 -13.20
N SER B 158 28.16 -16.17 -14.30
CA SER B 158 27.79 -15.68 -15.61
C SER B 158 26.34 -16.02 -15.97
N THR B 159 25.75 -17.03 -15.36
CA THR B 159 24.33 -17.32 -15.61
C THR B 159 23.41 -16.87 -14.48
N GLY B 160 23.93 -16.07 -13.54
CA GLY B 160 23.17 -15.73 -12.34
C GLY B 160 22.28 -14.51 -12.42
N GLY B 161 22.35 -13.76 -13.53
CA GLY B 161 21.47 -12.61 -13.74
C GLY B 161 21.93 -11.31 -13.09
N TRP B 162 22.73 -11.40 -12.02
CA TRP B 162 23.18 -10.17 -11.36
C TRP B 162 24.09 -9.35 -12.27
N LYS B 163 24.96 -10.03 -13.03
CA LYS B 163 25.81 -9.28 -13.95
C LYS B 163 25.01 -8.60 -15.06
N ASP B 164 23.88 -9.18 -15.49
CA ASP B 164 23.03 -8.49 -16.45
C ASP B 164 22.41 -7.25 -15.83
N LEU B 165 21.97 -7.36 -14.57
CA LEU B 165 21.42 -6.19 -13.88
C LEU B 165 22.47 -5.07 -13.78
N ALA B 166 23.71 -5.43 -13.42
CA ALA B 166 24.78 -4.44 -13.33
C ALA B 166 24.98 -3.73 -14.67
N ALA B 167 24.99 -4.48 -15.77
CA ALA B 167 25.15 -3.87 -17.08
C ALA B 167 23.96 -2.99 -17.45
N ALA B 168 22.79 -3.22 -16.85
CA ALA B 168 21.60 -2.44 -17.17
C ALA B 168 21.44 -1.19 -16.32
N ARG B 169 22.41 -0.87 -15.45
CA ARG B 169 22.20 0.19 -14.46
C ARG B 169 21.91 1.54 -15.11
N GLN B 170 22.68 1.90 -16.14
CA GLN B 170 22.49 3.21 -16.78
C GLN B 170 21.13 3.29 -17.46
N SER B 171 20.71 2.21 -18.13
CA SER B 171 19.43 2.23 -18.83
C SER B 171 18.25 2.24 -17.84
N ILE B 172 18.37 1.48 -16.75
CA ILE B 172 17.32 1.51 -15.72
C ILE B 172 17.21 2.92 -15.12
N TYR B 173 18.36 3.53 -14.81
CA TYR B 173 18.37 4.91 -14.35
C TYR B 173 17.68 5.83 -15.34
N GLU B 174 17.95 5.67 -16.64
CA GLU B 174 17.33 6.54 -17.64
C GLU B 174 15.82 6.33 -17.70
N PHE B 175 15.37 5.09 -17.54
CA PHE B 175 13.93 4.83 -17.43
C PHE B 175 13.35 5.56 -16.22
N PHE B 176 14.00 5.44 -15.06
CA PHE B 176 13.55 6.13 -13.86
C PHE B 176 13.42 7.64 -14.09
N MET B 177 14.39 8.25 -14.79
CA MET B 177 14.34 9.70 -15.02
C MET B 177 13.25 10.08 -16.03
N ARG B 178 12.97 9.22 -17.03
CA ARG B 178 11.83 9.48 -17.92
C ARG B 178 10.51 9.41 -17.17
N CYS B 179 10.44 8.62 -16.09
CA CYS B 179 9.24 8.53 -15.27
C CYS B 179 9.05 9.74 -14.36
N LYS B 180 10.10 10.52 -14.09
CA LYS B 180 10.04 11.53 -13.05
C LYS B 180 9.23 12.74 -13.50
N ARG B 181 8.37 13.25 -12.58
CA ARG B 181 7.63 14.51 -12.70
C ARG B 181 8.33 15.61 -11.92
N PRO B 182 8.18 16.87 -12.35
CA PRO B 182 8.82 17.98 -11.61
C PRO B 182 8.39 18.10 -10.16
N ASP B 183 7.16 17.73 -9.83
CA ASP B 183 6.69 17.86 -8.45
C ASP B 183 7.20 16.77 -7.53
N GLY B 184 7.95 15.79 -8.03
CA GLY B 184 8.49 14.73 -7.18
C GLY B 184 7.77 13.40 -7.32
N GLY B 185 6.67 13.34 -8.05
CA GLY B 185 6.07 12.05 -8.37
C GLY B 185 6.75 11.37 -9.53
N PHE B 186 6.40 10.10 -9.72
CA PHE B 186 6.80 9.31 -10.86
C PHE B 186 5.58 8.67 -11.50
N VAL B 187 5.53 8.64 -12.83
CA VAL B 187 4.57 7.76 -13.49
C VAL B 187 5.12 6.33 -13.40
N VAL B 188 4.22 5.34 -13.30
CA VAL B 188 4.69 3.95 -13.18
C VAL B 188 5.18 3.38 -14.49
N CYS B 189 4.73 3.95 -15.61
CA CYS B 189 5.17 3.57 -16.94
C CYS B 189 4.82 4.73 -17.85
N GLU B 190 5.27 4.64 -19.10
CA GLU B 190 4.93 5.68 -20.05
C GLU B 190 3.41 5.81 -20.13
N GLY B 191 2.94 7.04 -19.91
CA GLY B 191 1.51 7.33 -19.87
C GLY B 191 0.75 6.74 -18.70
N GLY B 192 1.43 6.33 -17.62
CA GLY B 192 0.78 5.64 -16.52
C GLY B 192 0.49 6.54 -15.33
N GLU B 193 -0.11 5.93 -14.29
CA GLU B 193 -0.57 6.66 -13.11
C GLU B 193 0.59 7.03 -12.19
N VAL B 194 0.35 8.02 -11.34
CA VAL B 194 1.34 8.57 -10.41
C VAL B 194 0.88 8.27 -8.99
N ASP B 195 1.67 7.47 -8.26
CA ASP B 195 1.34 7.27 -6.84
C ASP B 195 2.54 6.67 -6.10
N VAL B 196 2.40 6.55 -4.78
CA VAL B 196 3.54 6.20 -3.95
C VAL B 196 3.96 4.74 -4.11
N ARG B 197 3.16 3.89 -4.76
CA ARG B 197 3.65 2.55 -5.12
C ARG B 197 4.84 2.66 -6.05
N GLY B 198 4.76 3.58 -7.02
CA GLY B 198 5.87 3.80 -7.93
C GLY B 198 7.10 4.34 -7.24
N THR B 199 6.91 5.31 -6.34
CA THR B 199 8.03 5.88 -5.59
C THR B 199 8.72 4.82 -4.76
N TYR B 200 7.94 3.99 -4.07
CA TYR B 200 8.50 2.93 -3.25
C TYR B 200 9.32 1.95 -4.10
N CYS B 201 8.72 1.42 -5.17
CA CYS B 201 9.41 0.43 -5.99
C CYS B 201 10.68 0.99 -6.60
N LEU B 202 10.64 2.27 -7.00
CA LEU B 202 11.79 2.92 -7.62
C LEU B 202 12.91 3.15 -6.62
N LEU B 203 12.58 3.65 -5.43
CA LEU B 203 13.61 3.93 -4.42
C LEU B 203 14.27 2.64 -3.93
N VAL B 204 13.51 1.56 -3.80
CA VAL B 204 14.13 0.29 -3.43
C VAL B 204 15.16 -0.11 -4.48
N VAL B 205 14.76 -0.10 -5.74
CA VAL B 205 15.68 -0.55 -6.79
C VAL B 205 16.87 0.38 -6.90
N ALA B 206 16.64 1.69 -6.84
CA ALA B 206 17.76 2.63 -6.94
C ALA B 206 18.72 2.47 -5.77
N THR B 207 18.19 2.23 -4.57
CA THR B 207 19.05 1.97 -3.42
C THR B 207 19.91 0.72 -3.64
N LEU B 208 19.30 -0.36 -4.12
CA LEU B 208 20.01 -1.64 -4.23
C LEU B 208 21.07 -1.63 -5.33
N LEU B 209 20.85 -0.91 -6.43
CA LEU B 209 21.72 -0.96 -7.59
C LEU B 209 22.71 0.20 -7.67
N ASP B 210 22.78 1.06 -6.65
CA ASP B 210 23.72 2.19 -6.62
C ASP B 210 23.50 3.11 -7.84
N ILE B 211 22.26 3.60 -7.99
CA ILE B 211 21.96 4.56 -9.05
C ILE B 211 21.18 5.77 -8.55
N ILE B 212 21.38 6.17 -7.29
CA ILE B 212 20.73 7.35 -6.74
C ILE B 212 21.58 8.59 -7.04
N THR B 213 20.94 9.64 -7.52
CA THR B 213 21.55 10.93 -7.80
C THR B 213 20.68 12.05 -7.23
N PRO B 214 21.24 13.26 -7.09
CA PRO B 214 20.39 14.38 -6.67
C PRO B 214 19.24 14.67 -7.63
N GLU B 215 19.46 14.61 -8.94
CA GLU B 215 18.36 14.94 -9.86
C GLU B 215 17.24 13.92 -9.77
N LEU B 216 17.57 12.66 -9.45
CA LEU B 216 16.54 11.64 -9.30
C LEU B 216 15.62 11.95 -8.12
N LEU B 217 16.18 12.49 -7.04
CA LEU B 217 15.47 12.63 -5.77
C LEU B 217 14.76 13.97 -5.59
N HIS B 218 15.01 14.95 -6.46
CA HIS B 218 14.49 16.29 -6.20
C HIS B 218 12.97 16.29 -6.10
N ASN B 219 12.46 16.82 -4.98
CA ASN B 219 11.04 16.95 -4.62
C ASN B 219 10.38 15.61 -4.26
N VAL B 220 11.09 14.48 -4.33
CA VAL B 220 10.47 13.20 -4.02
C VAL B 220 10.02 13.17 -2.56
N ASP B 221 10.83 13.75 -1.66
CA ASP B 221 10.46 13.83 -0.26
C ASP B 221 9.19 14.65 -0.05
N LYS B 222 9.02 15.74 -0.81
CA LYS B 222 7.85 16.59 -0.62
C LYS B 222 6.59 15.90 -1.13
N PHE B 223 6.67 15.22 -2.28
CA PHE B 223 5.51 14.47 -2.78
C PHE B 223 5.01 13.48 -1.72
N VAL B 224 5.93 12.71 -1.13
CA VAL B 224 5.56 11.67 -0.18
C VAL B 224 5.00 12.29 1.09
N SER B 225 5.68 13.30 1.63
CA SER B 225 5.22 13.90 2.88
C SER B 225 3.81 14.47 2.73
N ALA B 226 3.49 15.04 1.58
CA ALA B 226 2.15 15.61 1.42
C ALA B 226 1.06 14.55 1.24
N CYS B 227 1.43 13.26 1.13
CA CYS B 227 0.44 12.20 1.10
C CYS B 227 -0.16 11.89 2.46
N GLN B 228 0.43 12.39 3.56
CA GLN B 228 -0.08 12.06 4.89
C GLN B 228 -1.41 12.76 5.13
N THR B 229 -2.39 12.04 5.67
CA THR B 229 -3.72 12.58 5.88
C THR B 229 -3.92 12.98 7.35
N TYR B 230 -5.08 13.58 7.64
CA TYR B 230 -5.42 13.96 9.01
C TYR B 230 -5.54 12.75 9.93
N GLU B 231 -5.75 11.55 9.37
CA GLU B 231 -5.79 10.35 10.21
C GLU B 231 -4.40 9.85 10.60
N GLY B 232 -3.34 10.27 9.92
CA GLY B 232 -1.99 9.94 10.29
C GLY B 232 -1.32 8.92 9.36
N GLY B 233 -2.09 8.09 8.67
CA GLY B 233 -1.57 7.31 7.58
C GLY B 233 -1.45 8.14 6.30
N PHE B 234 -1.21 7.44 5.18
CA PHE B 234 -0.90 8.10 3.92
C PHE B 234 -1.83 7.64 2.80
N ALA B 235 -2.17 8.60 1.92
CA ALA B 235 -2.92 8.34 0.70
C ALA B 235 -2.01 7.93 -0.45
N CYS B 236 -2.63 7.61 -1.59
CA CYS B 236 -1.89 7.16 -2.78
C CYS B 236 -1.02 8.26 -3.38
N ALA B 237 -1.42 9.53 -3.27
CA ALA B 237 -0.74 10.57 -4.02
C ALA B 237 -1.08 11.92 -3.40
N SER B 238 -0.31 12.94 -3.77
CA SER B 238 -0.66 14.32 -3.45
C SER B 238 -0.70 15.14 -4.73
N PHE B 239 -1.51 16.21 -4.72
CA PHE B 239 -1.73 17.07 -5.88
C PHE B 239 -0.97 18.38 -5.72
N PRO B 240 -0.14 18.77 -6.69
CA PRO B 240 0.59 20.03 -6.57
C PRO B 240 -0.18 21.20 -7.15
N PHE B 241 -0.58 22.13 -6.32
CA PHE B 241 -1.24 23.33 -6.84
C PHE B 241 -0.19 24.36 -7.24
N PRO B 242 -0.26 24.91 -8.45
CA PRO B 242 0.87 25.68 -8.98
C PRO B 242 1.02 27.05 -8.33
N SER B 243 2.22 27.61 -8.50
CA SER B 243 2.50 29.02 -8.24
C SER B 243 2.16 29.45 -6.82
N SER B 254 7.26 22.03 -10.07
CA SER B 254 8.57 21.98 -9.42
C SER B 254 8.60 22.87 -8.18
N GLU B 255 7.75 23.89 -8.18
CA GLU B 255 7.66 24.85 -7.07
C GLU B 255 6.19 25.15 -6.76
N PRO B 256 5.40 24.12 -6.42
CA PRO B 256 3.97 24.36 -6.17
C PRO B 256 3.75 25.25 -4.95
N SER B 257 2.61 25.93 -4.95
CA SER B 257 2.23 26.74 -3.79
C SER B 257 1.81 25.88 -2.60
N CYS B 258 1.19 24.72 -2.86
CA CYS B 258 0.91 23.77 -1.79
C CYS B 258 0.52 22.43 -2.40
N ARG B 259 0.61 21.38 -1.57
CA ARG B 259 0.29 20.01 -1.97
C ARG B 259 -0.76 19.42 -1.04
N VAL B 260 -1.70 18.69 -1.62
CA VAL B 260 -2.87 18.18 -0.90
C VAL B 260 -3.00 16.69 -1.19
N SER B 261 -3.24 15.90 -0.13
CA SER B 261 -3.44 14.46 -0.28
C SER B 261 -4.77 14.17 -0.97
N MET B 262 -4.80 13.09 -1.76
CA MET B 262 -5.88 12.90 -2.72
CA MET B 262 -5.87 12.88 -2.74
C MET B 262 -6.84 11.77 -2.38
N ALA B 263 -6.70 11.13 -1.22
CA ALA B 263 -7.63 10.06 -0.84
C ALA B 263 -7.38 9.74 0.63
N GLU B 264 -8.00 8.67 1.13
CA GLU B 264 -7.88 8.40 2.56
C GLU B 264 -6.61 7.59 2.88
N ALA B 265 -6.19 7.67 4.14
CA ALA B 265 -5.06 6.87 4.60
C ALA B 265 -5.36 5.40 4.37
N HIS B 266 -4.39 4.67 3.80
CA HIS B 266 -4.58 3.27 3.46
C HIS B 266 -3.34 2.46 3.79
N GLY B 267 -3.55 1.23 4.28
CA GLY B 267 -2.40 0.40 4.68
C GLY B 267 -1.36 0.22 3.59
N GLY B 268 -1.80 -0.03 2.35
CA GLY B 268 -0.83 -0.25 1.29
C GLY B 268 -0.02 1.00 0.95
N TYR B 269 -0.69 2.16 0.89
CA TYR B 269 0.03 3.39 0.57
C TYR B 269 0.78 3.93 1.79
N THR B 270 0.32 3.61 2.99
CA THR B 270 1.05 3.97 4.19
C THR B 270 2.36 3.19 4.29
N SER B 271 2.32 1.89 3.98
CA SER B 271 3.55 1.09 3.88
C SER B 271 4.52 1.71 2.86
N CYS B 272 4.02 2.01 1.66
CA CYS B 272 4.89 2.53 0.61
C CYS B 272 5.48 3.89 1.00
N SER B 273 4.66 4.74 1.65
CA SER B 273 5.11 6.07 2.04
C SER B 273 6.14 6.02 3.16
N LEU B 274 5.85 5.24 4.21
CA LEU B 274 6.81 5.08 5.30
C LEU B 274 8.13 4.49 4.81
N ASN B 275 8.04 3.47 3.96
CA ASN B 275 9.26 2.85 3.45
C ASN B 275 10.03 3.81 2.56
N SER B 276 9.34 4.54 1.67
CA SER B 276 9.99 5.54 0.83
C SER B 276 10.68 6.60 1.68
N HIS B 277 9.96 7.19 2.64
CA HIS B 277 10.56 8.20 3.50
C HIS B 277 11.76 7.65 4.24
N PHE B 278 11.66 6.42 4.73
CA PHE B 278 12.80 5.84 5.45
C PHE B 278 14.02 5.69 4.56
N LEU B 279 13.84 5.22 3.32
CA LEU B 279 14.97 5.15 2.39
C LEU B 279 15.58 6.53 2.13
N LEU B 280 14.76 7.60 2.10
CA LEU B 280 15.29 8.93 1.84
C LEU B 280 16.08 9.49 3.03
N THR B 281 15.80 9.05 4.25
CA THR B 281 16.56 9.56 5.40
C THR B 281 18.03 9.16 5.34
N SER B 282 18.41 8.20 4.49
CA SER B 282 19.81 7.83 4.34
C SER B 282 20.60 8.79 3.47
N VAL B 283 19.92 9.63 2.69
CA VAL B 283 20.54 10.40 1.62
C VAL B 283 21.08 11.69 2.23
N PRO B 284 22.38 11.98 2.10
CA PRO B 284 22.95 13.21 2.69
C PRO B 284 22.77 14.43 1.79
N LEU B 285 21.53 14.89 1.67
CA LEU B 285 21.24 16.14 0.99
C LEU B 285 20.82 17.19 2.01
N PRO B 286 21.07 18.47 1.76
CA PRO B 286 20.73 19.51 2.75
C PRO B 286 19.22 19.65 2.90
N SER B 287 18.77 19.67 4.17
CA SER B 287 17.35 19.87 4.50
C SER B 287 16.46 18.86 3.81
N PHE B 288 16.89 17.59 3.84
CA PHE B 288 16.26 16.53 3.07
C PHE B 288 16.38 15.25 3.89
N PRO B 289 15.32 14.43 3.98
CA PRO B 289 13.99 14.62 3.41
C PRO B 289 13.09 15.49 4.29
N LEU B 290 12.16 16.23 3.68
CA LEU B 290 11.11 16.91 4.45
C LEU B 290 10.45 15.94 5.43
N SER B 291 10.20 16.40 6.64
CA SER B 291 9.75 15.51 7.69
C SER B 291 8.30 15.07 7.47
N ILE B 292 7.93 13.98 8.15
CA ILE B 292 6.55 13.54 8.28
C ILE B 292 6.18 13.61 9.76
N ASP B 293 4.90 13.40 10.05
CA ASP B 293 4.41 13.32 11.43
C ASP B 293 4.48 11.84 11.82
N ALA B 294 5.61 11.45 12.44
CA ALA B 294 5.84 10.03 12.75
C ALA B 294 4.92 9.54 13.86
N ASN B 295 4.68 10.37 14.89
CA ASN B 295 3.73 10.02 15.95
C ASN B 295 2.36 9.70 15.38
N ALA B 296 1.85 10.56 14.49
CA ALA B 296 0.53 10.30 13.90
C ALA B 296 0.54 9.02 13.08
N ALA B 297 1.64 8.73 12.38
CA ALA B 297 1.69 7.51 11.58
C ALA B 297 1.71 6.27 12.47
N LEU B 298 2.40 6.36 13.60
CA LEU B 298 2.43 5.22 14.52
C LEU B 298 1.06 5.00 15.13
N ARG B 299 0.38 6.09 15.53
CA ARG B 299 -0.99 6.00 16.04
C ARG B 299 -1.91 5.35 15.03
N TRP B 300 -1.88 5.81 13.77
CA TRP B 300 -2.76 5.23 12.76
C TRP B 300 -2.48 3.75 12.59
N THR B 301 -1.20 3.37 12.57
CA THR B 301 -0.81 1.97 12.42
C THR B 301 -1.45 1.08 13.49
N VAL B 302 -1.28 1.45 14.76
CA VAL B 302 -1.73 0.55 15.82
C VAL B 302 -3.24 0.52 15.90
N LEU B 303 -3.91 1.60 15.50
CA LEU B 303 -5.37 1.64 15.53
C LEU B 303 -6.00 0.72 14.49
N GLN B 304 -5.25 0.28 13.48
CA GLN B 304 -5.80 -0.63 12.47
C GLN B 304 -5.75 -2.09 12.88
N GLN B 305 -5.18 -2.45 14.02
CA GLN B 305 -5.24 -3.85 14.43
C GLN B 305 -6.62 -4.15 15.01
N GLY B 306 -7.26 -5.21 14.50
CA GLY B 306 -8.63 -5.50 14.86
C GLY B 306 -8.78 -6.02 16.27
N GLU B 307 -10.04 -6.03 16.72
CA GLU B 307 -10.45 -6.49 18.04
C GLU B 307 -10.35 -8.01 18.15
N PRO B 308 -10.40 -8.55 19.37
CA PRO B 308 -10.36 -10.03 19.52
C PRO B 308 -11.45 -10.74 18.74
N ILE B 309 -12.65 -10.17 18.62
CA ILE B 309 -13.70 -10.85 17.90
C ILE B 309 -13.38 -10.98 16.40
N GLU B 310 -12.53 -10.11 15.85
CA GLU B 310 -12.08 -10.25 14.47
C GLU B 310 -10.67 -10.84 14.39
N GLY B 311 -10.22 -11.50 15.46
CA GLY B 311 -9.02 -12.32 15.43
C GLY B 311 -7.70 -11.57 15.51
N GLY B 312 -7.73 -10.26 15.75
CA GLY B 312 -6.50 -9.49 15.84
C GLY B 312 -5.75 -9.26 14.55
N GLY B 313 -6.39 -9.50 13.38
CA GLY B 313 -5.79 -9.12 12.12
C GLY B 313 -5.92 -7.62 11.87
N PHE B 314 -5.18 -7.13 10.88
CA PHE B 314 -5.21 -5.71 10.53
C PHE B 314 -6.24 -5.42 9.43
N ARG B 315 -6.90 -4.26 9.55
CA ARG B 315 -7.66 -3.68 8.45
C ARG B 315 -6.77 -2.72 7.67
N GLY B 316 -7.20 -2.37 6.44
CA GLY B 316 -6.41 -1.49 5.59
C GLY B 316 -6.85 -0.03 5.68
N ARG B 317 -8.04 0.23 6.18
CA ARG B 317 -8.46 1.61 6.44
C ARG B 317 -9.63 1.60 7.43
N THR B 318 -9.80 2.74 8.09
CA THR B 318 -10.85 2.92 9.10
C THR B 318 -12.21 2.47 8.57
N ASN B 319 -12.92 1.69 9.40
CA ASN B 319 -14.29 1.24 9.17
C ASN B 319 -14.43 0.31 7.97
N LYS B 320 -13.34 -0.33 7.55
CA LYS B 320 -13.38 -1.45 6.61
C LYS B 320 -12.99 -2.74 7.35
N LEU B 321 -12.83 -3.83 6.60
CA LEU B 321 -12.68 -5.16 7.20
C LEU B 321 -11.22 -5.58 7.33
N VAL B 322 -10.96 -6.40 8.35
CA VAL B 322 -9.63 -6.98 8.49
C VAL B 322 -9.34 -7.90 7.30
N ASP B 323 -8.07 -8.06 6.99
CA ASP B 323 -7.64 -8.82 5.81
C ASP B 323 -6.19 -9.21 6.02
N GLY B 324 -5.88 -10.50 5.81
CA GLY B 324 -4.56 -11.02 6.14
C GLY B 324 -3.41 -10.32 5.45
N CYS B 325 -3.62 -9.79 4.24
CA CYS B 325 -2.49 -9.17 3.54
C CYS B 325 -1.99 -7.91 4.25
N TYR B 326 -2.84 -7.24 5.04
CA TYR B 326 -2.37 -6.08 5.79
C TYR B 326 -1.47 -6.45 6.97
N SER B 327 -1.32 -7.74 7.28
CA SER B 327 -0.28 -8.11 8.23
C SER B 327 1.08 -7.61 7.75
N TRP B 328 1.36 -7.70 6.45
CA TRP B 328 2.58 -7.09 5.92
C TRP B 328 2.44 -5.57 5.77
N TRP B 329 1.41 -5.08 5.07
CA TRP B 329 1.35 -3.66 4.74
C TRP B 329 1.31 -2.80 5.99
N VAL B 330 0.48 -3.17 6.96
CA VAL B 330 0.39 -2.36 8.17
C VAL B 330 1.33 -2.87 9.26
N GLY B 331 1.29 -4.18 9.55
CA GLY B 331 2.21 -4.72 10.54
C GLY B 331 3.67 -4.45 10.20
N GLY B 332 4.04 -4.66 8.93
CA GLY B 332 5.41 -4.43 8.51
C GLY B 332 5.82 -2.98 8.45
N GLY B 333 4.86 -2.05 8.48
CA GLY B 333 5.19 -0.65 8.61
C GLY B 333 5.49 -0.23 10.02
N ALA B 334 5.05 -1.03 11.00
CA ALA B 334 5.20 -0.63 12.41
C ALA B 334 6.66 -0.42 12.83
N PRO B 335 7.62 -1.30 12.52
CA PRO B 335 9.01 -1.03 12.93
C PRO B 335 9.58 0.24 12.31
N VAL B 336 9.13 0.59 11.10
CA VAL B 336 9.57 1.81 10.45
C VAL B 336 9.02 3.03 11.17
N ALA B 337 7.71 3.02 11.45
CA ALA B 337 7.12 4.13 12.21
C ALA B 337 7.76 4.24 13.58
N GLU B 338 8.05 3.09 14.21
CA GLU B 338 8.65 3.11 15.54
C GLU B 338 10.01 3.77 15.52
N GLU B 339 10.84 3.44 14.52
CA GLU B 339 12.18 4.01 14.43
C GLU B 339 12.12 5.51 14.18
N LEU B 340 11.19 5.98 13.34
CA LEU B 340 11.08 7.40 13.09
C LEU B 340 10.64 8.14 14.36
N VAL B 341 9.71 7.56 15.12
CA VAL B 341 9.34 8.13 16.41
C VAL B 341 10.54 8.17 17.35
N ARG B 342 11.32 7.08 17.40
CA ARG B 342 12.49 7.06 18.28
C ARG B 342 13.47 8.16 17.92
N ARG B 343 13.71 8.36 16.62
CA ARG B 343 14.63 9.42 16.19
C ARG B 343 14.14 10.79 16.64
N GLU B 344 12.85 11.06 16.51
CA GLU B 344 12.33 12.37 16.87
C GLU B 344 12.35 12.58 18.38
N LYS B 345 12.06 11.53 19.15
CA LYS B 345 12.15 11.63 20.60
C LYS B 345 13.57 11.99 21.03
N SER B 346 14.56 11.30 20.47
CA SER B 346 15.96 11.63 20.76
C SER B 346 16.32 13.01 20.24
N ARG B 347 15.87 13.35 19.04
CA ARG B 347 16.21 14.63 18.43
C ARG B 347 15.71 15.83 19.25
N LYS B 348 14.74 15.62 20.14
CA LYS B 348 14.32 16.68 21.04
C LYS B 348 15.17 16.76 22.30
N VAL B 349 15.90 15.69 22.62
CA VAL B 349 16.86 15.72 23.73
C VAL B 349 18.03 16.64 23.39
N ILE B 371 11.22 -1.74 26.60
CA ILE B 371 10.15 -1.17 25.78
C ILE B 371 9.21 -2.27 25.30
N PRO B 372 7.91 -2.11 25.57
CA PRO B 372 6.94 -3.14 25.19
C PRO B 372 6.65 -3.08 23.69
N PRO B 373 6.18 -4.18 23.11
CA PRO B 373 5.85 -4.17 21.68
C PRO B 373 4.79 -3.14 21.35
N ILE B 374 4.82 -2.66 20.11
CA ILE B 374 3.96 -1.55 19.73
C ILE B 374 2.61 -1.99 19.16
N PHE B 375 2.52 -3.21 18.62
CA PHE B 375 1.24 -3.82 18.27
C PHE B 375 1.20 -5.21 18.89
N ASN B 376 0.02 -5.84 18.86
CA ASN B 376 -0.16 -7.12 19.54
C ASN B 376 0.47 -8.21 18.68
N ARG B 377 1.76 -8.47 18.92
CA ARG B 377 2.51 -9.47 18.17
C ARG B 377 1.91 -10.87 18.32
N VAL B 378 1.29 -11.16 19.47
CA VAL B 378 0.68 -12.47 19.66
C VAL B 378 -0.61 -12.58 18.85
N ALA B 379 -1.50 -11.60 18.97
CA ALA B 379 -2.79 -11.69 18.29
C ALA B 379 -2.62 -11.79 16.76
N LEU B 380 -1.63 -11.10 16.21
CA LEU B 380 -1.45 -11.14 14.76
C LEU B 380 -1.05 -12.54 14.30
N GLN B 381 -0.23 -13.23 15.09
CA GLN B 381 0.11 -14.61 14.73
C GLN B 381 -1.11 -15.52 14.82
N GLU B 382 -1.95 -15.32 15.85
CA GLU B 382 -3.17 -16.10 15.98
C GLU B 382 -4.09 -15.91 14.77
N PHE B 383 -4.20 -14.67 14.27
CA PHE B 383 -5.00 -14.46 13.05
C PHE B 383 -4.42 -15.25 11.89
N THR B 384 -3.09 -15.21 11.73
CA THR B 384 -2.46 -15.92 10.64
C THR B 384 -2.73 -17.42 10.73
N LEU B 385 -2.51 -18.00 11.91
CA LEU B 385 -2.61 -19.45 12.07
C LEU B 385 -4.06 -19.93 12.01
N VAL B 386 -4.97 -19.19 12.64
CA VAL B 386 -6.35 -19.66 12.81
C VAL B 386 -7.24 -19.26 11.64
N ALA B 387 -7.16 -18.01 11.17
CA ALA B 387 -8.10 -17.50 10.17
C ALA B 387 -7.54 -17.44 8.76
N ALA B 388 -6.24 -17.17 8.60
CA ALA B 388 -5.71 -16.87 7.26
C ALA B 388 -5.23 -18.11 6.52
N GLN B 389 -5.00 -19.24 7.19
CA GLN B 389 -4.67 -20.46 6.49
C GLN B 389 -5.89 -21.05 5.81
N GLN B 390 -5.70 -21.58 4.61
CA GLN B 390 -6.73 -22.41 3.99
C GLN B 390 -7.07 -23.57 4.92
N ASP B 391 -8.33 -23.99 4.88
CA ASP B 391 -8.76 -25.10 5.72
C ASP B 391 -7.92 -26.34 5.41
N PRO B 392 -7.61 -27.16 6.41
CA PRO B 392 -6.66 -28.26 6.22
C PRO B 392 -7.17 -29.33 5.26
N GLY B 393 -6.22 -30.04 4.66
CA GLY B 393 -6.55 -31.13 3.75
C GLY B 393 -7.04 -30.68 2.40
N SER B 394 -6.72 -29.45 2.03
CA SER B 394 -7.29 -28.79 0.86
C SER B 394 -6.11 -28.30 0.01
N THR B 395 -6.38 -27.30 -0.84
CA THR B 395 -5.37 -26.73 -1.73
C THR B 395 -4.15 -26.17 -1.00
N GLY B 396 -4.23 -25.88 0.30
CA GLY B 396 -3.21 -25.05 0.93
C GLY B 396 -3.31 -23.59 0.48
N GLY B 397 -2.34 -22.80 0.95
CA GLY B 397 -2.27 -21.38 0.70
C GLY B 397 -2.90 -20.57 1.82
N LEU B 398 -2.63 -19.27 1.83
CA LEU B 398 -3.23 -18.36 2.83
C LEU B 398 -4.14 -17.35 2.12
N ARG B 399 -5.02 -16.72 2.87
CA ARG B 399 -6.08 -15.91 2.23
C ARG B 399 -6.37 -14.62 2.99
N ASP B 400 -7.23 -13.83 2.40
CA ASP B 400 -7.70 -12.55 2.97
C ASP B 400 -8.40 -12.83 4.29
N LYS B 401 -9.45 -13.63 4.20
CA LYS B 401 -10.32 -13.97 5.34
C LYS B 401 -11.00 -15.30 5.08
N PRO B 402 -11.66 -15.90 6.08
CA PRO B 402 -12.42 -17.10 5.86
C PRO B 402 -13.51 -16.82 4.81
N GLY B 403 -13.75 -17.79 3.96
CA GLY B 403 -14.68 -17.59 2.88
C GLY B 403 -14.07 -17.07 1.60
N LYS B 404 -12.80 -16.71 1.59
CA LYS B 404 -12.11 -16.26 0.38
C LYS B 404 -11.10 -17.33 -0.03
N ARG B 405 -10.98 -17.58 -1.33
CA ARG B 405 -9.97 -18.51 -1.80
C ARG B 405 -8.58 -17.96 -1.53
N PRO B 406 -7.63 -18.83 -1.20
CA PRO B 406 -6.23 -18.38 -1.08
C PRO B 406 -5.66 -18.06 -2.45
N ASP B 407 -4.64 -17.22 -2.47
CA ASP B 407 -3.93 -16.89 -3.69
C ASP B 407 -2.47 -16.60 -3.36
N GLN B 408 -1.66 -16.43 -4.40
CA GLN B 408 -0.23 -16.23 -4.21
C GLN B 408 0.07 -14.95 -3.45
N TYR B 409 -0.71 -13.89 -3.72
CA TYR B 409 -0.47 -12.59 -3.10
C TYR B 409 -0.76 -12.60 -1.61
N HIS B 410 -1.90 -13.19 -1.21
CA HIS B 410 -2.19 -13.28 0.22
C HIS B 410 -1.29 -14.29 0.91
N THR B 411 -0.80 -15.29 0.18
CA THR B 411 0.16 -16.21 0.78
C THR B 411 1.44 -15.46 1.14
N CYS B 412 1.97 -14.70 0.18
CA CYS B 412 3.20 -13.95 0.44
C CYS B 412 3.02 -12.93 1.55
N ASN B 413 1.92 -12.16 1.52
CA ASN B 413 1.80 -11.06 2.47
C ASN B 413 1.37 -11.51 3.87
N ASN B 414 0.53 -12.56 3.99
CA ASN B 414 0.33 -13.16 5.31
C ASN B 414 1.66 -13.63 5.93
N LEU B 415 2.48 -14.32 5.15
CA LEU B 415 3.71 -14.87 5.70
C LEU B 415 4.71 -13.76 6.01
N SER B 416 4.80 -12.75 5.15
CA SER B 416 5.70 -11.62 5.44
C SER B 416 5.29 -10.92 6.74
N GLY B 417 3.99 -10.70 6.94
CA GLY B 417 3.53 -10.13 8.19
C GLY B 417 3.74 -11.05 9.39
N LEU B 418 3.49 -12.35 9.22
CA LEU B 418 3.76 -13.31 10.29
C LEU B 418 5.21 -13.21 10.75
N SER B 419 6.14 -13.07 9.80
CA SER B 419 7.56 -12.95 10.13
C SER B 419 7.84 -11.73 11.00
N ILE B 420 7.25 -10.58 10.65
CA ILE B 420 7.44 -9.35 11.44
C ILE B 420 6.91 -9.54 12.85
N ALA B 421 5.80 -10.27 13.01
CA ALA B 421 5.25 -10.50 14.34
C ALA B 421 6.10 -11.45 15.15
N GLN B 422 6.69 -12.47 14.50
CA GLN B 422 7.50 -13.47 15.21
C GLN B 422 8.84 -12.91 15.66
N HIS B 423 9.45 -12.03 14.85
CA HIS B 423 10.80 -11.55 15.12
C HIS B 423 10.79 -10.05 15.32
N LYS B 424 11.34 -9.61 16.45
CA LYS B 424 11.35 -8.19 16.78
C LYS B 424 12.44 -7.49 15.99
N MET B 425 12.04 -6.68 15.01
CA MET B 425 12.97 -6.01 14.11
C MET B 425 13.17 -4.56 14.54
N SER B 426 14.42 -4.11 14.49
CA SER B 426 14.68 -2.70 14.76
C SER B 426 15.85 -2.27 13.91
N HIS B 427 15.95 -0.97 13.68
CA HIS B 427 17.05 -0.38 12.93
C HIS B 427 18.08 0.10 13.94
N SER B 428 19.30 -0.43 13.83
CA SER B 428 20.28 -0.35 14.90
C SER B 428 21.33 0.70 14.59
N PRO B 429 21.40 1.82 15.33
CA PRO B 429 22.46 2.80 15.09
C PRO B 429 23.87 2.23 15.23
N SER B 430 24.11 1.34 16.19
CA SER B 430 25.44 0.79 16.32
C SER B 430 25.78 -0.13 15.15
N THR B 431 24.80 -0.86 14.61
CA THR B 431 25.05 -1.65 13.41
C THR B 431 25.36 -0.76 12.22
N VAL B 432 24.62 0.35 12.06
CA VAL B 432 24.92 1.28 10.99
C VAL B 432 26.34 1.82 11.14
N SER B 433 26.73 2.13 12.38
CA SER B 433 28.08 2.65 12.61
C SER B 433 29.13 1.62 12.20
N SER B 434 28.91 0.35 12.54
CA SER B 434 29.87 -0.68 12.17
C SER B 434 29.93 -0.84 10.65
N ASN B 435 28.79 -0.69 9.98
CA ASN B 435 28.75 -0.71 8.52
C ASN B 435 29.57 0.42 7.92
N ARG B 436 29.43 1.65 8.45
CA ARG B 436 30.26 2.75 7.98
C ARG B 436 31.74 2.43 8.13
N LEU B 437 32.11 1.76 9.24
CA LEU B 437 33.52 1.49 9.50
C LEU B 437 34.11 0.50 8.52
N LYS B 438 33.31 -0.38 7.92
CA LYS B 438 33.86 -1.37 7.03
C LYS B 438 33.67 -1.03 5.55
N PHE B 439 32.89 0.00 5.24
CA PHE B 439 32.67 0.37 3.85
C PHE B 439 33.97 0.77 3.17
N ASP B 440 34.12 0.33 1.91
CA ASP B 440 35.28 0.59 1.07
C ASP B 440 34.83 1.45 -0.11
N ALA B 441 35.02 2.77 0.00
CA ALA B 441 34.57 3.68 -1.05
C ALA B 441 35.43 3.62 -2.30
N SER B 442 36.60 2.98 -2.27
CA SER B 442 37.39 2.85 -3.49
C SER B 442 36.87 1.75 -4.40
N LYS B 443 35.91 0.96 -3.96
CA LYS B 443 35.34 -0.11 -4.77
C LYS B 443 33.93 0.28 -5.21
N GLY B 444 33.61 0.03 -6.48
CA GLY B 444 32.28 0.30 -6.98
C GLY B 444 32.13 0.20 -8.48
N LEU B 445 30.90 0.12 -8.95
CA LEU B 445 30.58 0.09 -10.38
C LEU B 445 30.65 1.51 -10.94
N PRO B 446 30.64 1.67 -12.26
CA PRO B 446 30.73 3.02 -12.85
C PRO B 446 29.58 3.92 -12.39
N ALA B 447 29.94 5.16 -12.05
CA ALA B 447 28.95 6.18 -11.72
C ALA B 447 27.95 6.35 -12.86
N VAL B 448 26.68 6.53 -12.51
CA VAL B 448 25.70 6.80 -13.54
C VAL B 448 25.94 8.18 -14.13
N LYS B 449 25.64 8.32 -15.41
CA LYS B 449 25.76 9.61 -16.08
C LYS B 449 24.43 10.34 -15.99
N PRO B 450 24.34 11.49 -15.34
CA PRO B 450 23.04 12.15 -15.16
C PRO B 450 22.48 12.65 -16.48
N VAL B 451 21.15 12.81 -16.50
CA VAL B 451 20.47 13.33 -17.68
C VAL B 451 20.78 14.82 -17.87
N ALA B 452 20.70 15.60 -16.79
CA ALA B 452 21.06 17.00 -16.91
C ALA B 452 22.47 17.22 -16.42
N PRO B 453 23.20 18.17 -17.03
CA PRO B 453 24.63 18.34 -16.69
C PRO B 453 24.91 18.52 -15.21
N GLY B 454 24.13 19.34 -14.50
CA GLY B 454 24.33 19.53 -13.08
C GLY B 454 23.60 18.56 -12.18
N GLY B 455 23.08 17.44 -12.71
CA GLY B 455 22.22 16.54 -11.98
C GLY B 455 22.89 15.52 -11.07
N GLY B 456 24.21 15.44 -11.09
CA GLY B 456 24.93 14.47 -10.28
C GLY B 456 25.38 15.03 -8.94
N TRP B 457 26.15 14.22 -8.23
CA TRP B 457 26.81 14.66 -7.01
C TRP B 457 27.92 15.65 -7.35
N LYS B 458 28.21 16.54 -6.40
CA LYS B 458 29.10 17.67 -6.66
C LYS B 458 30.53 17.20 -6.94
N ASN B 459 30.99 16.20 -6.21
CA ASN B 459 32.35 15.71 -6.36
C ASN B 459 32.39 14.30 -5.77
N GLU B 460 33.56 13.68 -5.83
CA GLU B 460 33.69 12.30 -5.35
C GLU B 460 33.54 12.21 -3.84
N ASP B 461 34.02 13.20 -3.09
CA ASP B 461 33.81 13.18 -1.64
C ASP B 461 32.33 13.06 -1.31
N GLU B 462 31.47 13.81 -2.03
CA GLU B 462 30.04 13.78 -1.74
C GLU B 462 29.39 12.52 -2.27
N ARG B 463 29.74 12.09 -3.48
CA ARG B 463 29.15 10.85 -3.99
C ARG B 463 29.50 9.66 -3.12
N GLN B 464 30.77 9.57 -2.69
CA GLN B 464 31.19 8.43 -1.90
C GLN B 464 30.56 8.47 -0.50
N ASN B 465 30.40 9.67 0.06
CA ASN B 465 29.67 9.78 1.32
C ASN B 465 28.23 9.31 1.17
N ALA B 466 27.60 9.64 0.04
CA ALA B 466 26.24 9.17 -0.22
C ALA B 466 26.19 7.65 -0.35
N ARG B 467 27.11 7.06 -1.13
CA ARG B 467 27.13 5.60 -1.26
C ARG B 467 27.28 4.93 0.10
N ARG B 468 28.18 5.44 0.92
CA ARG B 468 28.44 4.87 2.23
C ARG B 468 27.20 4.92 3.11
N GLU B 469 26.57 6.10 3.21
CA GLU B 469 25.38 6.22 4.07
C GLU B 469 24.25 5.34 3.57
N ILE B 470 24.05 5.28 2.26
CA ILE B 470 22.88 4.57 1.72
C ILE B 470 23.07 3.06 1.87
N TRP B 471 24.28 2.57 1.58
CA TRP B 471 24.60 1.17 1.80
C TRP B 471 24.55 0.82 3.28
N ALA B 472 25.14 1.66 4.13
CA ALA B 472 25.27 1.29 5.55
C ALA B 472 23.91 1.27 6.25
N ASN B 473 23.01 2.16 5.86
CA ASN B 473 21.68 2.17 6.46
C ASN B 473 20.79 1.09 5.88
N ALA B 474 20.94 0.76 4.60
CA ALA B 474 20.16 -0.32 4.02
C ALA B 474 20.44 -1.63 4.73
N LEU B 475 21.64 -1.77 5.31
CA LEU B 475 22.04 -2.97 6.03
C LEU B 475 21.94 -2.80 7.54
N GLY B 476 21.10 -1.88 8.01
CA GLY B 476 21.00 -1.58 9.42
C GLY B 476 19.90 -2.29 10.21
N TRP B 477 19.03 -3.06 9.56
CA TRP B 477 17.95 -3.75 10.26
C TRP B 477 18.48 -5.02 10.92
N ILE B 478 18.09 -5.26 12.17
CA ILE B 478 18.51 -6.43 12.93
C ILE B 478 17.29 -7.06 13.57
N GLU B 479 17.39 -8.37 13.84
CA GLU B 479 16.48 -9.03 14.76
C GLU B 479 17.06 -8.95 16.16
N GLU B 480 16.25 -8.49 17.11
CA GLU B 480 16.76 -8.27 18.46
C GLU B 480 16.89 -9.58 19.21
N GLU B 481 18.08 -9.81 19.79
CA GLU B 481 18.33 -10.99 20.60
C GLU B 481 17.28 -11.14 21.68
N GLY B 482 16.70 -12.32 21.77
CA GLY B 482 15.71 -12.60 22.80
C GLY B 482 14.35 -11.95 22.59
N GLY B 483 14.09 -11.34 21.43
CA GLY B 483 12.80 -10.78 21.16
C GLY B 483 11.83 -11.69 20.44
N GLU B 484 12.23 -12.92 20.17
CA GLU B 484 11.41 -13.83 19.38
C GLU B 484 10.15 -14.23 20.16
N ILE B 485 9.02 -14.28 19.46
CA ILE B 485 7.76 -14.82 19.99
C ILE B 485 7.18 -15.73 18.93
N ILE B 486 7.23 -17.04 19.16
CA ILE B 486 6.69 -17.99 18.19
C ILE B 486 5.42 -18.59 18.79
N VAL B 487 4.27 -18.01 18.46
CA VAL B 487 3.00 -18.52 18.96
C VAL B 487 2.81 -19.95 18.46
N GLY B 488 2.42 -20.85 19.38
CA GLY B 488 2.10 -22.22 19.03
C GLY B 488 3.27 -23.18 19.01
N GLY B 489 4.49 -22.72 19.27
CA GLY B 489 5.64 -23.61 19.31
C GLY B 489 6.56 -23.39 18.13
N LYS B 490 7.79 -23.88 18.28
CA LYS B 490 8.87 -23.50 17.37
C LYS B 490 8.71 -24.07 15.96
N ASP B 491 7.90 -25.12 15.78
CA ASP B 491 7.61 -25.60 14.42
C ASP B 491 6.85 -24.57 13.59
N ASN B 492 6.25 -23.55 14.22
CA ASN B 492 5.60 -22.50 13.46
C ASN B 492 6.56 -21.41 13.00
N ARG B 493 7.81 -21.42 13.45
CA ARG B 493 8.72 -20.34 13.14
C ARG B 493 9.01 -20.27 11.64
N ILE B 494 8.98 -19.08 11.07
CA ILE B 494 9.47 -18.88 9.71
C ILE B 494 10.67 -17.94 9.74
N ASN B 495 11.30 -17.76 8.59
CA ASN B 495 12.50 -16.97 8.53
C ASN B 495 12.16 -15.49 8.67
N THR B 496 13.21 -14.69 8.89
CA THR B 496 13.10 -13.29 9.26
C THR B 496 13.18 -12.40 8.01
N THR B 497 12.11 -11.65 7.72
CA THR B 497 12.22 -10.76 6.57
C THR B 497 12.77 -9.41 7.00
N THR B 498 13.16 -8.64 6.01
CA THR B 498 13.70 -7.32 6.30
C THR B 498 12.59 -6.31 6.13
N PRO B 499 12.41 -5.37 7.08
CA PRO B 499 11.52 -4.24 6.91
C PRO B 499 12.04 -3.37 5.75
N VAL B 500 11.14 -2.67 5.08
CA VAL B 500 11.37 -1.77 3.91
C VAL B 500 11.53 -2.56 2.62
N PHE B 501 12.44 -3.52 2.59
CA PHE B 501 12.72 -4.31 1.37
C PHE B 501 11.80 -5.50 1.16
N ASN B 502 11.46 -6.18 2.25
CA ASN B 502 10.72 -7.45 2.28
C ASN B 502 11.41 -8.58 1.51
N ILE B 503 12.73 -8.71 1.67
CA ILE B 503 13.41 -9.97 1.37
C ILE B 503 14.23 -10.35 2.60
N LEU B 504 14.59 -11.64 2.68
CA LEU B 504 15.43 -12.09 3.78
C LEU B 504 16.73 -11.32 3.81
N GLY B 505 17.22 -11.04 5.02
CA GLY B 505 18.54 -10.44 5.16
C GLY B 505 19.63 -11.24 4.48
N LEU B 506 19.54 -12.57 4.52
CA LEU B 506 20.55 -13.39 3.87
C LEU B 506 20.52 -13.28 2.35
N ARG B 507 19.44 -12.73 1.78
CA ARG B 507 19.40 -12.34 0.36
C ARG B 507 19.87 -10.91 0.15
N LEU B 508 19.40 -9.99 0.99
CA LEU B 508 19.72 -8.57 0.82
C LEU B 508 21.22 -8.32 0.88
N LYS B 509 21.91 -8.95 1.84
CA LYS B 509 23.31 -8.59 2.06
C LYS B 509 24.21 -8.94 0.87
N PRO B 510 24.22 -10.18 0.33
CA PRO B 510 25.09 -10.43 -0.83
C PRO B 510 24.63 -9.73 -2.09
N PHE B 511 23.34 -9.46 -2.23
CA PHE B 511 22.82 -8.74 -3.40
C PHE B 511 23.32 -7.29 -3.40
N ILE B 512 23.07 -6.55 -2.31
CA ILE B 512 23.50 -5.15 -2.31
C ILE B 512 25.03 -5.08 -2.28
N ASN B 513 25.71 -6.05 -1.66
CA ASN B 513 27.18 -6.03 -1.67
C ASN B 513 27.71 -6.20 -3.08
N TYR B 514 27.04 -7.02 -3.90
CA TYR B 514 27.46 -7.18 -5.29
C TYR B 514 27.48 -5.85 -6.02
N PHE B 515 26.40 -5.07 -5.93
CA PHE B 515 26.32 -3.87 -6.75
C PHE B 515 27.18 -2.73 -6.20
N TYR B 516 27.53 -2.76 -4.92
CA TYR B 516 28.43 -1.78 -4.37
C TYR B 516 29.88 -2.27 -4.32
N CYS B 517 30.14 -3.49 -4.82
CA CYS B 517 31.48 -4.10 -4.82
C CYS B 517 32.08 -4.23 -3.42
N GLN B 518 31.26 -4.60 -2.45
CA GLN B 518 31.73 -4.82 -1.09
C GLN B 518 31.76 -6.32 -0.80
N GLU B 519 32.47 -6.69 0.25
CA GLU B 519 32.52 -8.12 0.60
C GLU B 519 32.89 -8.38 2.06
#